data_3A77
#
_entry.id   3A77
#
_cell.length_a   163.469
_cell.length_b   102.459
_cell.length_c   68.921
_cell.angle_alpha   90.00
_cell.angle_beta   90.00
_cell.angle_gamma   90.00
#
_symmetry.space_group_name_H-M   'P 21 21 2'
#
loop_
_entity.id
_entity.type
_entity.pdbx_description
1 polymer 'Interferon regulatory factor 3'
2 non-polymer 'ACETIC ACID'
3 non-polymer (4S)-2-METHYL-2,4-PENTANEDIOL
4 water water
#
_entity_poly.entity_id   1
_entity_poly.type   'polypeptide(L)'
_entity_poly.pdbx_seq_one_letter_code
;GAMENPLKRLLVPGEEWEFEVTAFYRGRQVFQQTISCPEGLRLVGSEVGDRTLPGWPVTLPDPGMSLTDRGVMSYVRHVL
SCLGGGLALWRAGQWLWAQRLGHCHTYWAVSEELLPNSGHGPDGEVPKDKEGGVFDLGPFIVDLITFTEGSGRSPRYALW
FCVGESWPQDQPWTKRLVMVKVVPTCLRALVEMARVGGAS(SEP)LENTVDLHISNSHPL(SEP)LTSDQYKAYLQDLVE
GMDFQGPGES
;
_entity_poly.pdbx_strand_id   A,B,C,D
#
loop_
_chem_comp.id
_chem_comp.type
_chem_comp.name
_chem_comp.formula
ACY non-polymer 'ACETIC ACID' 'C2 H4 O2'
MPD non-polymer (4S)-2-METHYL-2,4-PENTANEDIOL 'C6 H14 O2'
#
# COMPACT_ATOMS: atom_id res chain seq x y z
N GLU A 4 -18.07 -30.25 23.64
CA GLU A 4 -17.93 -29.63 22.30
C GLU A 4 -16.93 -30.40 21.45
N ASN A 5 -17.11 -30.35 20.14
CA ASN A 5 -16.22 -31.03 19.20
C ASN A 5 -15.02 -30.13 18.95
N PRO A 6 -13.85 -30.49 19.50
CA PRO A 6 -12.65 -29.67 19.30
C PRO A 6 -12.26 -29.46 17.84
N LEU A 7 -12.57 -30.44 16.99
CA LEU A 7 -12.21 -30.34 15.59
C LEU A 7 -12.99 -29.25 14.84
N LYS A 8 -14.16 -28.85 15.37
CA LYS A 8 -14.93 -27.82 14.70
C LYS A 8 -14.22 -26.45 14.78
N ARG A 9 -13.23 -26.34 15.66
CA ARG A 9 -12.47 -25.09 15.78
C ARG A 9 -11.76 -24.82 14.45
N LEU A 10 -11.51 -25.87 13.69
CA LEU A 10 -10.85 -25.73 12.39
C LEU A 10 -11.61 -24.77 11.49
N LEU A 11 -12.93 -24.73 11.67
CA LEU A 11 -13.78 -23.91 10.81
C LEU A 11 -14.12 -22.49 11.23
N VAL A 12 -14.08 -22.21 12.53
CA VAL A 12 -14.45 -20.86 12.98
C VAL A 12 -13.55 -19.80 12.33
N PRO A 13 -14.17 -18.71 11.83
CA PRO A 13 -13.44 -17.62 11.17
C PRO A 13 -12.20 -17.09 11.90
N GLY A 14 -12.29 -16.93 13.21
CA GLY A 14 -11.17 -16.42 13.97
C GLY A 14 -9.97 -17.34 14.13
N GLU A 15 -10.07 -18.58 13.68
CA GLU A 15 -8.96 -19.52 13.81
C GLU A 15 -8.02 -19.46 12.62
N GLU A 16 -6.80 -19.00 12.84
CA GLU A 16 -5.82 -18.91 11.76
C GLU A 16 -5.17 -20.25 11.50
N TRP A 17 -5.19 -20.68 10.24
CA TRP A 17 -4.55 -21.93 9.86
C TRP A 17 -3.09 -21.66 9.56
N GLU A 18 -2.23 -22.57 9.99
CA GLU A 18 -0.81 -22.45 9.72
C GLU A 18 -0.57 -23.12 8.36
N PHE A 19 0.19 -22.46 7.49
CA PHE A 19 0.51 -23.01 6.18
C PHE A 19 2.01 -23.14 6.04
N GLU A 20 2.46 -24.31 5.59
CA GLU A 20 3.89 -24.55 5.37
C GLU A 20 4.12 -24.36 3.88
N VAL A 21 4.95 -23.38 3.54
CA VAL A 21 5.26 -23.07 2.15
C VAL A 21 6.67 -23.50 1.78
N THR A 22 6.78 -24.34 0.75
CA THR A 22 8.09 -24.82 0.30
C THR A 22 8.23 -24.57 -1.21
N ALA A 23 9.28 -23.85 -1.61
CA ALA A 23 9.49 -23.54 -3.02
C ALA A 23 10.63 -24.36 -3.62
N PHE A 24 10.47 -24.75 -4.88
CA PHE A 24 11.46 -25.55 -5.60
C PHE A 24 11.78 -24.96 -6.97
N TYR A 25 13.05 -24.85 -7.30
CA TYR A 25 13.46 -24.36 -8.62
C TYR A 25 14.06 -25.58 -9.32
N ARG A 26 13.37 -26.03 -10.37
CA ARG A 26 13.74 -27.24 -11.11
C ARG A 26 13.89 -28.43 -10.17
N GLY A 27 12.91 -28.61 -9.30
CA GLY A 27 12.94 -29.73 -8.38
C GLY A 27 13.78 -29.56 -7.12
N ARG A 28 14.59 -28.51 -7.05
CA ARG A 28 15.43 -28.28 -5.89
C ARG A 28 14.78 -27.34 -4.88
N GLN A 29 14.71 -27.79 -3.62
CA GLN A 29 14.13 -26.96 -2.58
C GLN A 29 15.06 -25.78 -2.35
N VAL A 30 14.51 -24.57 -2.44
CA VAL A 30 15.29 -23.35 -2.27
C VAL A 30 14.68 -22.41 -1.24
N PHE A 31 13.57 -22.83 -0.64
CA PHE A 31 12.91 -21.97 0.34
C PHE A 31 11.81 -22.70 1.08
N GLN A 32 11.68 -22.39 2.37
CA GLN A 32 10.64 -22.99 3.20
C GLN A 32 10.32 -22.07 4.36
N GLN A 33 9.03 -21.86 4.59
CA GLN A 33 8.59 -21.02 5.67
C GLN A 33 7.17 -21.44 6.07
N THR A 34 6.89 -21.36 7.36
CA THR A 34 5.58 -21.70 7.88
C THR A 34 4.95 -20.40 8.35
N ILE A 35 3.77 -20.11 7.83
CA ILE A 35 3.08 -18.85 8.14
C ILE A 35 1.63 -18.97 8.61
N SER A 36 1.23 -18.07 9.51
CA SER A 36 -0.14 -18.02 10.00
C SER A 36 -0.58 -16.56 9.84
N CYS A 37 -1.69 -16.35 9.14
CA CYS A 37 -2.19 -14.98 8.91
C CYS A 37 -3.70 -15.02 8.63
N PRO A 38 -4.47 -14.10 9.24
CA PRO A 38 -5.91 -14.05 9.03
C PRO A 38 -6.30 -13.91 7.56
N GLU A 39 -5.51 -13.14 6.81
CA GLU A 39 -5.79 -12.93 5.40
C GLU A 39 -5.02 -13.85 4.47
N GLY A 40 -4.52 -14.96 5.00
CA GLY A 40 -3.78 -15.89 4.17
C GLY A 40 -2.41 -15.40 3.76
N LEU A 41 -1.95 -15.85 2.60
CA LEU A 41 -0.63 -15.46 2.14
C LEU A 41 -0.59 -15.05 0.68
N ARG A 42 0.54 -14.47 0.28
CA ARG A 42 0.74 -14.07 -1.11
C ARG A 42 2.17 -14.44 -1.50
N LEU A 43 2.30 -15.30 -2.52
CA LEU A 43 3.61 -15.71 -2.97
C LEU A 43 4.07 -14.57 -3.88
N VAL A 44 5.20 -13.96 -3.54
CA VAL A 44 5.71 -12.83 -4.32
C VAL A 44 7.17 -12.95 -4.71
N THR A 52 0.88 -3.45 0.56
CA THR A 52 -0.27 -2.62 0.23
C THR A 52 -1.47 -3.51 -0.04
N LEU A 53 -1.23 -4.81 -0.09
CA LEU A 53 -2.28 -5.79 -0.33
C LEU A 53 -2.43 -6.67 0.89
N PRO A 54 -3.63 -7.22 1.11
CA PRO A 54 -3.83 -8.09 2.28
C PRO A 54 -3.10 -9.40 2.06
N GLY A 55 -2.86 -10.14 3.14
CA GLY A 55 -2.17 -11.42 3.03
C GLY A 55 -0.70 -11.27 3.33
N TRP A 56 -0.14 -12.27 4.03
CA TRP A 56 1.27 -12.26 4.40
C TRP A 56 2.15 -12.55 3.19
N PRO A 57 3.03 -11.61 2.82
CA PRO A 57 3.90 -11.82 1.67
C PRO A 57 5.03 -12.81 1.93
N VAL A 58 5.13 -13.80 1.05
CA VAL A 58 6.16 -14.83 1.13
C VAL A 58 7.03 -14.62 -0.10
N THR A 59 8.24 -14.13 0.11
CA THR A 59 9.16 -13.83 -0.98
C THR A 59 9.98 -15.00 -1.48
N LEU A 60 9.80 -15.36 -2.75
CA LEU A 60 10.56 -16.46 -3.33
C LEU A 60 11.95 -15.86 -3.57
N PRO A 61 13.01 -16.59 -3.24
CA PRO A 61 14.41 -16.16 -3.40
C PRO A 61 14.95 -16.04 -4.81
N ASP A 62 15.98 -15.22 -4.97
CA ASP A 62 16.61 -15.07 -6.28
C ASP A 62 17.30 -16.40 -6.54
N PRO A 63 17.21 -16.90 -7.78
CA PRO A 63 17.82 -18.18 -8.16
C PRO A 63 19.35 -18.18 -8.10
N GLY A 64 19.96 -17.01 -8.03
CA GLY A 64 21.40 -16.94 -7.98
C GLY A 64 21.98 -17.52 -6.71
N MET A 65 21.11 -17.74 -5.72
CA MET A 65 21.53 -18.28 -4.44
C MET A 65 21.56 -19.80 -4.40
N SER A 66 21.10 -20.46 -5.46
CA SER A 66 21.07 -21.91 -5.45
C SER A 66 21.23 -22.59 -6.82
N LEU A 67 21.05 -21.83 -7.89
CA LEU A 67 21.18 -22.39 -9.24
C LEU A 67 22.46 -21.99 -9.94
N THR A 68 22.82 -22.75 -10.96
CA THR A 68 24.03 -22.48 -11.74
C THR A 68 23.73 -22.42 -13.23
N ASP A 69 22.65 -23.08 -13.66
CA ASP A 69 22.28 -23.08 -15.06
C ASP A 69 21.69 -21.72 -15.47
N ARG A 70 22.39 -21.02 -16.35
CA ARG A 70 21.94 -19.71 -16.81
C ARG A 70 20.52 -19.76 -17.40
N GLY A 71 20.21 -20.84 -18.11
CA GLY A 71 18.90 -20.96 -18.71
C GLY A 71 17.77 -21.01 -17.70
N VAL A 72 17.92 -21.84 -16.68
CA VAL A 72 16.90 -21.96 -15.64
C VAL A 72 16.87 -20.72 -14.76
N MET A 73 18.03 -20.13 -14.52
CA MET A 73 18.09 -18.92 -13.71
C MET A 73 17.34 -17.80 -14.41
N SER A 74 17.48 -17.75 -15.73
CA SER A 74 16.81 -16.72 -16.51
C SER A 74 15.30 -16.91 -16.45
N TYR A 75 14.85 -18.16 -16.61
CA TYR A 75 13.42 -18.43 -16.57
C TYR A 75 12.84 -18.08 -15.20
N VAL A 76 13.55 -18.47 -14.15
CA VAL A 76 13.08 -18.17 -12.80
C VAL A 76 12.99 -16.66 -12.57
N ARG A 77 14.00 -15.92 -13.02
CA ARG A 77 13.98 -14.47 -12.85
C ARG A 77 12.78 -13.84 -13.58
N HIS A 78 12.40 -14.44 -14.70
CA HIS A 78 11.25 -13.97 -15.49
C HIS A 78 10.01 -14.13 -14.61
N VAL A 79 9.87 -15.31 -14.00
CA VAL A 79 8.73 -15.59 -13.14
C VAL A 79 8.69 -14.65 -11.94
N LEU A 80 9.84 -14.39 -11.34
CA LEU A 80 9.88 -13.47 -10.20
C LEU A 80 9.40 -12.10 -10.67
N SER A 81 9.65 -11.80 -11.94
CA SER A 81 9.25 -10.52 -12.52
C SER A 81 7.74 -10.38 -12.75
N CYS A 82 7.07 -11.46 -13.16
CA CYS A 82 5.63 -11.36 -13.39
C CYS A 82 4.77 -11.56 -12.13
N LEU A 83 5.35 -12.06 -11.05
CA LEU A 83 4.54 -12.30 -9.85
C LEU A 83 3.71 -11.11 -9.37
N GLY A 84 4.30 -9.92 -9.39
CA GLY A 84 3.56 -8.73 -8.97
C GLY A 84 2.87 -8.90 -7.63
N GLY A 85 1.57 -8.62 -7.59
CA GLY A 85 0.81 -8.76 -6.36
C GLY A 85 0.97 -10.15 -5.79
N GLY A 86 1.25 -11.12 -6.66
CA GLY A 86 1.48 -12.48 -6.21
C GLY A 86 0.33 -13.46 -6.27
N LEU A 87 0.61 -14.69 -5.85
CA LEU A 87 -0.40 -15.73 -5.82
C LEU A 87 -0.99 -15.70 -4.41
N ALA A 88 -2.24 -15.28 -4.30
CA ALA A 88 -2.91 -15.20 -3.01
C ALA A 88 -3.60 -16.53 -2.69
N LEU A 89 -3.46 -16.98 -1.44
CA LEU A 89 -4.10 -18.22 -0.99
C LEU A 89 -4.62 -17.93 0.41
N TRP A 90 -5.92 -18.17 0.64
CA TRP A 90 -6.51 -17.92 1.94
C TRP A 90 -7.69 -18.84 2.22
N ARG A 91 -8.13 -18.86 3.47
CA ARG A 91 -9.27 -19.68 3.84
C ARG A 91 -10.48 -18.82 4.15
N ALA A 92 -11.65 -19.34 3.78
CA ALA A 92 -12.92 -18.70 4.05
C ALA A 92 -13.85 -19.87 4.29
N GLY A 93 -14.21 -20.08 5.55
CA GLY A 93 -15.08 -21.21 5.88
C GLY A 93 -14.38 -22.53 5.64
N GLN A 94 -15.05 -23.44 4.95
CA GLN A 94 -14.48 -24.76 4.68
C GLN A 94 -13.64 -24.79 3.41
N TRP A 95 -13.51 -23.65 2.73
CA TRP A 95 -12.74 -23.60 1.50
C TRP A 95 -11.45 -22.83 1.55
N LEU A 96 -10.50 -23.27 0.75
CA LEU A 96 -9.22 -22.60 0.58
C LEU A 96 -9.40 -21.98 -0.81
N TRP A 97 -9.13 -20.69 -0.91
CA TRP A 97 -9.28 -19.96 -2.16
C TRP A 97 -7.95 -19.43 -2.68
N ALA A 98 -7.83 -19.33 -4.00
CA ALA A 98 -6.61 -18.80 -4.60
C ALA A 98 -6.97 -17.77 -5.67
N GLN A 99 -6.12 -16.77 -5.84
CA GLN A 99 -6.34 -15.75 -6.85
C GLN A 99 -4.98 -15.25 -7.30
N ARG A 100 -4.80 -15.18 -8.62
CA ARG A 100 -3.55 -14.73 -9.19
C ARG A 100 -3.63 -13.22 -9.38
N LEU A 101 -2.95 -12.50 -8.49
CA LEU A 101 -2.99 -11.05 -8.52
C LEU A 101 -2.03 -10.40 -9.49
N GLY A 102 -0.99 -11.12 -9.85
CA GLY A 102 0.01 -10.59 -10.77
C GLY A 102 -0.19 -10.95 -12.23
N HIS A 103 0.93 -11.12 -12.93
CA HIS A 103 0.87 -11.41 -14.35
C HIS A 103 1.32 -12.80 -14.76
N CYS A 104 1.76 -13.61 -13.79
CA CYS A 104 2.21 -14.97 -14.09
C CYS A 104 1.05 -15.96 -14.21
N HIS A 105 1.02 -16.71 -15.30
CA HIS A 105 0.00 -17.75 -15.44
C HIS A 105 0.40 -18.77 -14.39
N THR A 106 -0.52 -19.03 -13.46
CA THR A 106 -0.27 -19.94 -12.35
C THR A 106 -1.28 -21.08 -12.35
N TYR A 107 -0.79 -22.31 -12.27
CA TYR A 107 -1.65 -23.48 -12.28
C TYR A 107 -1.55 -24.21 -10.96
N TRP A 108 -2.61 -24.92 -10.58
CA TRP A 108 -2.61 -25.62 -9.30
C TRP A 108 -3.08 -27.06 -9.39
N ALA A 109 -2.76 -27.82 -8.35
CA ALA A 109 -3.17 -29.21 -8.25
C ALA A 109 -3.01 -29.66 -6.80
N VAL A 110 -3.94 -30.50 -6.35
CA VAL A 110 -3.87 -31.05 -5.01
C VAL A 110 -3.23 -32.40 -5.25
N SER A 111 -2.15 -32.71 -4.53
CA SER A 111 -1.45 -33.96 -4.74
C SER A 111 -0.77 -34.45 -3.47
N GLU A 112 0.18 -35.38 -3.62
CA GLU A 112 0.92 -35.91 -2.48
C GLU A 112 1.98 -34.88 -2.09
N GLU A 113 2.71 -35.15 -1.01
CA GLU A 113 3.76 -34.25 -0.56
C GLU A 113 4.92 -34.17 -1.55
N LEU A 114 5.01 -35.13 -2.46
CA LEU A 114 6.09 -35.13 -3.46
C LEU A 114 5.73 -34.28 -4.66
N LEU A 115 6.73 -33.61 -5.25
CA LEU A 115 6.49 -32.78 -6.42
C LEU A 115 5.87 -33.67 -7.49
N PRO A 116 4.69 -33.30 -8.00
CA PRO A 116 3.99 -34.09 -9.01
C PRO A 116 4.54 -34.07 -10.44
N ASN A 117 4.35 -35.17 -11.16
CA ASN A 117 4.78 -35.24 -12.55
C ASN A 117 3.72 -34.54 -13.38
N SER A 118 4.04 -34.23 -14.63
CA SER A 118 3.10 -33.54 -15.50
C SER A 118 1.77 -34.28 -15.58
N GLY A 119 1.83 -35.60 -15.73
CA GLY A 119 0.63 -36.40 -15.81
C GLY A 119 -0.38 -35.88 -16.83
N HIS A 120 -1.62 -35.71 -16.38
CA HIS A 120 -2.69 -35.21 -17.24
C HIS A 120 -2.82 -33.70 -17.15
N GLY A 121 -1.83 -33.05 -16.54
CA GLY A 121 -1.87 -31.61 -16.40
C GLY A 121 -2.32 -31.19 -15.01
N PRO A 122 -2.40 -29.89 -14.74
CA PRO A 122 -2.82 -29.39 -13.43
C PRO A 122 -4.33 -29.55 -13.25
N ASP A 123 -4.82 -29.32 -12.03
CA ASP A 123 -6.24 -29.41 -11.76
C ASP A 123 -6.93 -28.20 -12.39
N GLY A 124 -6.17 -27.12 -12.56
CA GLY A 124 -6.73 -25.93 -13.17
C GLY A 124 -5.78 -24.75 -13.13
N GLU A 125 -6.22 -23.63 -13.69
CA GLU A 125 -5.40 -22.43 -13.66
C GLU A 125 -6.04 -21.49 -12.65
N VAL A 126 -5.21 -20.89 -11.80
CA VAL A 126 -5.72 -19.98 -10.80
C VAL A 126 -6.22 -18.73 -11.54
N PRO A 127 -7.49 -18.36 -11.31
CA PRO A 127 -8.08 -17.19 -11.96
C PRO A 127 -7.54 -15.87 -11.41
N LYS A 128 -7.63 -14.81 -12.20
CA LYS A 128 -7.17 -13.50 -11.77
C LYS A 128 -8.30 -12.53 -11.47
N ASP A 129 -9.36 -12.56 -12.28
CA ASP A 129 -10.47 -11.63 -12.10
C ASP A 129 -11.35 -11.90 -10.90
N LYS A 130 -11.27 -13.11 -10.35
CA LYS A 130 -12.08 -13.49 -9.21
C LYS A 130 -11.40 -14.63 -8.46
N GLU A 131 -11.85 -14.88 -7.24
CA GLU A 131 -11.29 -15.96 -6.43
C GLU A 131 -11.66 -17.30 -7.05
N GLY A 132 -10.82 -18.30 -6.80
CA GLY A 132 -11.09 -19.63 -7.31
C GLY A 132 -10.91 -20.64 -6.20
N GLY A 133 -11.88 -21.53 -6.02
CA GLY A 133 -11.76 -22.53 -4.97
C GLY A 133 -10.71 -23.56 -5.35
N VAL A 134 -9.81 -23.87 -4.43
CA VAL A 134 -8.77 -24.85 -4.71
C VAL A 134 -8.79 -26.04 -3.75
N PHE A 135 -9.50 -25.90 -2.65
CA PHE A 135 -9.57 -27.01 -1.69
C PHE A 135 -10.83 -26.91 -0.84
N ASP A 136 -11.53 -28.03 -0.71
CA ASP A 136 -12.75 -28.10 0.08
C ASP A 136 -12.54 -29.11 1.20
N LEU A 137 -12.59 -28.63 2.44
CA LEU A 137 -12.38 -29.49 3.60
C LEU A 137 -13.46 -30.55 3.73
N GLY A 138 -14.64 -30.29 3.17
CA GLY A 138 -15.73 -31.25 3.26
C GLY A 138 -15.36 -32.64 2.76
N PRO A 139 -15.08 -32.77 1.45
CA PRO A 139 -14.71 -34.04 0.85
C PRO A 139 -13.46 -34.64 1.50
N PHE A 140 -12.55 -33.77 1.93
CA PHE A 140 -11.33 -34.23 2.57
C PHE A 140 -11.64 -35.00 3.86
N ILE A 141 -12.54 -34.46 4.68
CA ILE A 141 -12.89 -35.12 5.93
C ILE A 141 -13.66 -36.41 5.66
N VAL A 142 -14.54 -36.37 4.67
CA VAL A 142 -15.32 -37.55 4.31
C VAL A 142 -14.35 -38.66 3.88
N ASP A 143 -13.36 -38.29 3.07
CA ASP A 143 -12.37 -39.26 2.60
C ASP A 143 -11.48 -39.73 3.73
N LEU A 144 -11.22 -38.85 4.70
CA LEU A 144 -10.39 -39.21 5.84
C LEU A 144 -11.12 -40.28 6.65
N ILE A 145 -12.43 -40.11 6.79
CA ILE A 145 -13.24 -41.07 7.53
C ILE A 145 -13.18 -42.41 6.79
N THR A 146 -13.37 -42.37 5.48
CA THR A 146 -13.33 -43.58 4.66
C THR A 146 -11.99 -44.28 4.87
N PHE A 147 -10.93 -43.48 5.00
CA PHE A 147 -9.59 -43.99 5.22
C PHE A 147 -9.51 -44.72 6.56
N THR A 148 -10.06 -44.12 7.60
CA THR A 148 -10.03 -44.75 8.93
C THR A 148 -10.86 -46.03 8.94
N GLU A 149 -11.79 -46.15 8.00
CA GLU A 149 -12.65 -47.33 7.89
C GLU A 149 -11.92 -48.42 7.12
N GLY A 150 -10.80 -48.03 6.51
CA GLY A 150 -10.00 -48.98 5.74
C GLY A 150 -10.57 -49.27 4.36
N SER A 151 -11.51 -48.44 3.91
CA SER A 151 -12.12 -48.65 2.60
C SER A 151 -11.71 -47.58 1.59
N GLY A 152 -10.61 -46.90 1.87
CA GLY A 152 -10.14 -45.86 0.96
C GLY A 152 -8.72 -45.41 1.26
N ARG A 153 -8.09 -44.76 0.28
CA ARG A 153 -6.74 -44.29 0.43
C ARG A 153 -6.72 -42.99 1.24
N SER A 154 -5.55 -42.64 1.78
CA SER A 154 -5.37 -41.43 2.56
C SER A 154 -5.65 -40.21 1.68
N PRO A 155 -6.49 -39.28 2.14
CA PRO A 155 -6.81 -38.09 1.33
C PRO A 155 -5.61 -37.14 1.15
N ARG A 156 -5.54 -36.50 -0.02
CA ARG A 156 -4.45 -35.58 -0.33
C ARG A 156 -4.76 -34.19 0.24
N TYR A 157 -3.73 -33.46 0.64
CA TYR A 157 -3.93 -32.13 1.22
C TYR A 157 -2.87 -31.14 0.77
N ALA A 158 -1.90 -31.60 -0.03
CA ALA A 158 -0.84 -30.72 -0.49
C ALA A 158 -1.23 -29.97 -1.75
N LEU A 159 -1.19 -28.65 -1.70
CA LEU A 159 -1.50 -27.83 -2.86
C LEU A 159 -0.19 -27.48 -3.53
N TRP A 160 -0.13 -27.68 -4.84
CA TRP A 160 1.07 -27.36 -5.60
C TRP A 160 0.73 -26.28 -6.60
N PHE A 161 1.54 -25.23 -6.60
CA PHE A 161 1.34 -24.14 -7.53
C PHE A 161 2.51 -24.05 -8.48
N CYS A 162 2.23 -24.16 -9.77
CA CYS A 162 3.26 -24.07 -10.80
C CYS A 162 3.15 -22.64 -11.33
N VAL A 163 4.23 -21.88 -11.22
CA VAL A 163 4.20 -20.50 -11.68
C VAL A 163 4.99 -20.34 -12.98
N GLY A 164 4.28 -19.93 -14.03
CA GLY A 164 4.92 -19.73 -15.32
C GLY A 164 5.08 -18.26 -15.62
N GLU A 165 5.47 -17.94 -16.86
CA GLU A 165 5.67 -16.55 -17.26
C GLU A 165 4.34 -15.90 -17.65
N SER A 166 4.39 -14.62 -17.98
CA SER A 166 3.18 -13.90 -18.36
C SER A 166 2.70 -14.29 -19.76
N TRP A 167 3.64 -14.64 -20.62
CA TRP A 167 3.35 -15.05 -21.99
C TRP A 167 2.95 -16.52 -21.95
N PRO A 168 1.69 -16.84 -22.30
CA PRO A 168 1.17 -18.21 -22.29
C PRO A 168 1.63 -19.20 -23.34
N GLN A 169 2.94 -19.40 -23.44
CA GLN A 169 3.46 -20.35 -24.41
C GLN A 169 4.69 -21.11 -23.91
N ASP A 170 4.99 -20.96 -22.62
CA ASP A 170 6.12 -21.65 -22.02
C ASP A 170 5.65 -23.00 -21.48
N GLN A 171 4.33 -23.22 -21.50
CA GLN A 171 3.71 -24.47 -21.03
C GLN A 171 4.47 -24.91 -19.77
N PRO A 172 4.37 -24.11 -18.70
CA PRO A 172 5.03 -24.35 -17.42
C PRO A 172 4.81 -25.69 -16.73
N TRP A 173 3.62 -26.27 -16.84
CA TRP A 173 3.36 -27.54 -16.17
C TRP A 173 4.19 -28.70 -16.73
N THR A 174 4.76 -28.52 -17.91
CA THR A 174 5.57 -29.59 -18.50
C THR A 174 6.89 -29.77 -17.75
N LYS A 175 7.66 -28.70 -17.63
CA LYS A 175 8.94 -28.76 -16.94
C LYS A 175 8.83 -28.44 -15.45
N ARG A 176 7.75 -27.76 -15.06
CA ARG A 176 7.53 -27.40 -13.66
C ARG A 176 8.80 -26.83 -13.02
N LEU A 177 9.36 -25.80 -13.65
CA LEU A 177 10.58 -25.18 -13.14
C LEU A 177 10.41 -24.41 -11.85
N VAL A 178 9.26 -23.78 -11.67
CA VAL A 178 8.98 -23.04 -10.43
C VAL A 178 7.75 -23.69 -9.80
N MET A 179 7.97 -24.38 -8.69
CA MET A 179 6.90 -25.07 -7.98
C MET A 179 6.85 -24.66 -6.52
N VAL A 180 5.65 -24.37 -6.03
CA VAL A 180 5.51 -24.01 -4.62
C VAL A 180 4.46 -24.89 -4.00
N LYS A 181 4.87 -25.63 -2.96
CA LYS A 181 3.95 -26.50 -2.26
C LYS A 181 3.44 -25.77 -1.03
N VAL A 182 2.14 -25.81 -0.82
CA VAL A 182 1.54 -25.18 0.33
C VAL A 182 0.76 -26.26 1.07
N VAL A 183 1.19 -26.55 2.30
CA VAL A 183 0.53 -27.55 3.10
C VAL A 183 -0.14 -26.96 4.34
N PRO A 184 -1.47 -27.07 4.44
CA PRO A 184 -2.14 -26.54 5.64
C PRO A 184 -1.72 -27.63 6.63
N THR A 185 -0.90 -27.28 7.62
CA THR A 185 -0.40 -28.29 8.54
C THR A 185 -1.45 -29.02 9.37
N CYS A 186 -2.62 -28.43 9.56
CA CYS A 186 -3.68 -29.09 10.30
C CYS A 186 -4.09 -30.36 9.56
N LEU A 187 -4.12 -30.28 8.22
CA LEU A 187 -4.53 -31.43 7.43
C LEU A 187 -3.48 -32.54 7.47
N ARG A 188 -2.21 -32.17 7.39
CA ARG A 188 -1.14 -33.16 7.45
C ARG A 188 -1.26 -33.88 8.80
N ALA A 189 -1.54 -33.12 9.86
CA ALA A 189 -1.67 -33.69 11.20
C ALA A 189 -2.89 -34.59 11.34
N LEU A 190 -4.00 -34.23 10.71
CA LEU A 190 -5.20 -35.06 10.78
C LEU A 190 -4.97 -36.40 10.11
N VAL A 191 -4.23 -36.40 9.00
CA VAL A 191 -3.95 -37.65 8.30
C VAL A 191 -3.03 -38.54 9.15
N GLU A 192 -2.01 -37.92 9.73
CA GLU A 192 -1.06 -38.68 10.55
C GLU A 192 -1.76 -39.26 11.77
N MET A 193 -2.71 -38.52 12.33
CA MET A 193 -3.45 -38.99 13.50
C MET A 193 -4.29 -40.22 13.15
N ALA A 194 -4.85 -40.22 11.94
CA ALA A 194 -5.66 -41.35 11.48
C ALA A 194 -4.76 -42.54 11.24
N ARG A 195 -3.60 -42.30 10.67
CA ARG A 195 -2.64 -43.35 10.38
C ARG A 195 -2.11 -43.99 11.67
N VAL A 196 -1.65 -43.15 12.58
CA VAL A 196 -1.11 -43.63 13.86
C VAL A 196 -2.20 -44.22 14.75
N GLY A 197 -3.29 -43.47 14.91
CA GLY A 197 -4.38 -43.92 15.75
C GLY A 197 -5.04 -45.20 15.24
N GLY A 198 -5.10 -45.35 13.92
CA GLY A 198 -5.70 -46.52 13.34
C GLY A 198 -5.04 -47.82 13.75
N ALA A 199 -3.76 -47.75 14.13
CA ALA A 199 -3.03 -48.93 14.54
C ALA A 199 -2.65 -48.90 16.02
N SER A 200 -3.36 -48.09 16.80
CA SER A 200 -3.08 -47.97 18.23
C SER A 200 -4.33 -48.02 19.10
N SEP A 201 -4.23 -48.74 20.21
CA SEP A 201 -5.35 -48.88 21.14
CB SEP A 201 -5.27 -50.26 21.80
OG SEP A 201 -4.09 -50.30 22.58
C SEP A 201 -5.22 -47.81 22.23
O SEP A 201 -6.04 -47.76 23.16
P SEP A 201 -3.75 -51.82 22.97
O1P SEP A 201 -2.43 -51.83 23.64
O2P SEP A 201 -4.87 -52.40 23.94
O3P SEP A 201 -3.67 -52.71 21.63
N LEU A 202 -4.21 -46.96 22.12
CA LEU A 202 -3.97 -45.94 23.14
C LEU A 202 -4.36 -44.53 22.73
N GLU A 203 -4.17 -43.57 23.63
CA GLU A 203 -4.45 -42.19 23.30
C GLU A 203 -3.28 -41.71 22.46
N ASN A 204 -3.55 -40.87 21.47
CA ASN A 204 -2.49 -40.32 20.65
C ASN A 204 -2.74 -38.82 20.57
N THR A 205 -1.67 -38.06 20.36
CA THR A 205 -1.81 -36.62 20.31
C THR A 205 -1.85 -36.06 18.89
N VAL A 206 -2.75 -35.11 18.67
CA VAL A 206 -2.89 -34.45 17.38
C VAL A 206 -2.86 -32.94 17.60
N ASP A 207 -1.98 -32.27 16.87
CA ASP A 207 -1.83 -30.82 16.96
C ASP A 207 -2.54 -30.24 15.74
N LEU A 208 -3.59 -29.45 15.96
CA LEU A 208 -4.35 -28.88 14.85
C LEU A 208 -3.64 -27.73 14.15
N HIS A 209 -2.60 -27.20 14.76
CA HIS A 209 -1.84 -26.09 14.17
C HIS A 209 -2.72 -24.93 13.74
N ILE A 210 -3.60 -24.49 14.63
CA ILE A 210 -4.45 -23.34 14.38
C ILE A 210 -4.19 -22.41 15.56
N SER A 211 -4.51 -21.13 15.40
CA SER A 211 -4.23 -20.18 16.46
C SER A 211 -4.87 -20.49 17.80
N ASN A 212 -4.09 -20.24 18.86
CA ASN A 212 -4.51 -20.44 20.23
C ASN A 212 -5.09 -21.82 20.51
N SER A 213 -4.37 -22.85 20.10
CA SER A 213 -4.81 -24.21 20.30
C SER A 213 -3.70 -25.00 21.00
N HIS A 214 -4.07 -26.14 21.56
CA HIS A 214 -3.13 -27.01 22.25
C HIS A 214 -3.35 -28.41 21.70
N PRO A 215 -2.28 -29.22 21.62
CA PRO A 215 -2.43 -30.59 21.10
C PRO A 215 -3.53 -31.34 21.84
N LEU A 216 -4.30 -32.13 21.10
CA LEU A 216 -5.41 -32.90 21.66
C LEU A 216 -4.99 -34.36 21.88
N SEP A 217 -5.39 -34.92 23.02
CA SEP A 217 -5.07 -36.32 23.34
CB SEP A 217 -4.55 -36.41 24.77
OG SEP A 217 -3.30 -35.73 24.86
C SEP A 217 -6.36 -37.11 23.16
O SEP A 217 -7.30 -36.97 23.96
P SEP A 217 -3.16 -35.08 26.33
O1P SEP A 217 -2.02 -34.11 26.32
O2P SEP A 217 -4.51 -34.31 26.75
O3P SEP A 217 -2.85 -36.25 27.40
N LEU A 218 -6.42 -37.96 22.13
CA LEU A 218 -7.62 -38.73 21.83
C LEU A 218 -7.36 -40.19 21.47
N THR A 219 -8.33 -41.04 21.79
CA THR A 219 -8.25 -42.44 21.41
C THR A 219 -8.79 -42.48 19.98
N SER A 220 -8.59 -43.60 19.29
CA SER A 220 -9.09 -43.72 17.93
C SER A 220 -10.60 -43.54 17.87
N ASP A 221 -11.31 -44.13 18.84
CA ASP A 221 -12.77 -44.00 18.86
C ASP A 221 -13.21 -42.54 19.01
N GLN A 222 -12.51 -41.80 19.87
CA GLN A 222 -12.85 -40.40 20.09
C GLN A 222 -12.63 -39.60 18.82
N TYR A 223 -11.47 -39.82 18.20
CA TYR A 223 -11.12 -39.12 16.97
C TYR A 223 -12.15 -39.39 15.86
N LYS A 224 -12.52 -40.65 15.69
CA LYS A 224 -13.51 -41.02 14.67
C LYS A 224 -14.86 -40.37 14.93
N ALA A 225 -15.25 -40.30 16.19
CA ALA A 225 -16.53 -39.68 16.55
C ALA A 225 -16.50 -38.20 16.22
N TYR A 226 -15.38 -37.55 16.54
CA TYR A 226 -15.24 -36.12 16.27
C TYR A 226 -15.23 -35.83 14.78
N LEU A 227 -14.64 -36.74 14.00
CA LEU A 227 -14.58 -36.61 12.55
C LEU A 227 -16.00 -36.71 11.99
N GLN A 228 -16.76 -37.70 12.47
CA GLN A 228 -18.13 -37.88 12.01
C GLN A 228 -18.98 -36.65 12.30
N ASP A 229 -18.78 -36.06 13.48
CA ASP A 229 -19.55 -34.86 13.84
C ASP A 229 -19.09 -33.64 13.05
N LEU A 230 -17.79 -33.59 12.74
CA LEU A 230 -17.23 -32.48 11.97
C LEU A 230 -17.95 -32.35 10.63
N VAL A 231 -18.30 -33.49 10.04
CA VAL A 231 -19.00 -33.49 8.76
C VAL A 231 -20.28 -32.67 8.82
N GLU A 232 -20.96 -32.71 9.96
CA GLU A 232 -22.20 -31.94 10.11
C GLU A 232 -21.96 -30.43 10.13
N GLY A 233 -20.70 -30.04 10.33
CA GLY A 233 -20.39 -28.61 10.37
C GLY A 233 -19.95 -28.03 9.04
N MET A 234 -20.15 -28.78 7.96
CA MET A 234 -19.77 -28.32 6.63
C MET A 234 -20.86 -28.59 5.61
N ASP A 235 -20.83 -27.85 4.51
CA ASP A 235 -21.81 -27.99 3.44
C ASP A 235 -21.39 -29.03 2.40
N PHE A 236 -22.36 -29.81 1.95
CA PHE A 236 -22.15 -30.81 0.92
C PHE A 236 -23.31 -30.68 -0.06
N GLN A 237 -23.01 -30.19 -1.25
CA GLN A 237 -24.01 -29.97 -2.30
C GLN A 237 -24.69 -31.27 -2.68
N GLY A 238 -26.03 -31.24 -2.69
CA GLY A 238 -26.79 -32.43 -3.04
C GLY A 238 -26.94 -32.58 -4.54
N PRO A 239 -27.24 -33.79 -5.02
CA PRO A 239 -27.40 -33.98 -6.46
C PRO A 239 -28.56 -33.14 -7.00
N GLY A 240 -28.26 -32.27 -7.96
CA GLY A 240 -29.28 -31.42 -8.54
C GLY A 240 -29.78 -30.30 -7.65
N GLU A 241 -29.17 -30.14 -6.48
CA GLU A 241 -29.57 -29.08 -5.55
C GLU A 241 -29.18 -27.70 -6.09
N SER A 242 -30.08 -26.75 -5.95
CA SER A 242 -29.84 -25.39 -6.42
C SER A 242 -29.19 -24.52 -5.34
N GLU B 4 16.20 -2.16 -11.20
CA GLU B 4 14.79 -1.86 -11.54
C GLU B 4 14.64 -1.53 -13.02
N ASN B 5 13.58 -2.05 -13.63
CA ASN B 5 13.30 -1.83 -15.04
C ASN B 5 12.60 -0.47 -15.17
N PRO B 6 13.29 0.53 -15.73
CA PRO B 6 12.70 1.86 -15.90
C PRO B 6 11.43 1.88 -16.73
N LEU B 7 11.32 0.97 -17.69
CA LEU B 7 10.15 0.93 -18.55
C LEU B 7 8.90 0.48 -17.80
N LYS B 8 9.07 -0.23 -16.70
CA LYS B 8 7.90 -0.67 -15.96
C LYS B 8 7.14 0.50 -15.33
N ARG B 9 7.77 1.67 -15.29
CA ARG B 9 7.10 2.85 -14.73
C ARG B 9 5.91 3.24 -15.61
N LEU B 10 5.95 2.82 -16.87
CA LEU B 10 4.84 3.11 -17.78
C LEU B 10 3.53 2.56 -17.23
N LEU B 11 3.63 1.46 -16.49
CA LEU B 11 2.46 0.77 -15.95
C LEU B 11 1.92 1.20 -14.59
N VAL B 12 2.77 1.77 -13.74
CA VAL B 12 2.32 2.16 -12.41
C VAL B 12 1.17 3.17 -12.52
N PRO B 13 0.13 2.99 -11.69
CA PRO B 13 -1.04 3.87 -11.69
C PRO B 13 -0.78 5.37 -11.54
N GLY B 14 0.20 5.75 -10.73
CA GLY B 14 0.49 7.16 -10.53
C GLY B 14 1.22 7.87 -11.66
N GLU B 15 1.61 7.12 -12.68
CA GLU B 15 2.32 7.69 -13.81
C GLU B 15 1.36 8.15 -14.91
N GLU B 16 1.25 9.47 -15.07
CA GLU B 16 0.35 10.00 -16.08
C GLU B 16 0.96 9.99 -17.46
N TRP B 17 0.27 9.37 -18.40
CA TRP B 17 0.74 9.33 -19.77
C TRP B 17 0.33 10.62 -20.47
N GLU B 18 1.25 11.19 -21.23
CA GLU B 18 0.96 12.38 -21.99
C GLU B 18 0.27 11.91 -23.27
N PHE B 19 -0.81 12.59 -23.67
CA PHE B 19 -1.53 12.25 -24.90
C PHE B 19 -1.57 13.47 -25.82
N GLU B 20 -1.17 13.27 -27.07
CA GLU B 20 -1.19 14.33 -28.05
C GLU B 20 -2.49 14.16 -28.83
N VAL B 21 -3.33 15.19 -28.79
CA VAL B 21 -4.63 15.17 -29.46
C VAL B 21 -4.62 16.11 -30.66
N THR B 22 -4.91 15.57 -31.84
CA THR B 22 -4.95 16.37 -33.06
C THR B 22 -6.28 16.13 -33.77
N ALA B 23 -7.02 17.20 -34.04
CA ALA B 23 -8.31 17.09 -34.70
C ALA B 23 -8.23 17.56 -36.14
N PHE B 24 -8.99 16.90 -37.00
CA PHE B 24 -9.04 17.21 -38.43
C PHE B 24 -10.47 17.32 -38.91
N TYR B 25 -10.77 18.36 -39.69
CA TYR B 25 -12.09 18.52 -40.28
C TYR B 25 -11.86 18.29 -41.77
N ARG B 26 -12.39 17.19 -42.26
CA ARG B 26 -12.21 16.78 -43.64
C ARG B 26 -10.73 16.78 -44.03
N GLY B 27 -9.90 16.16 -43.19
CA GLY B 27 -8.48 16.07 -43.45
C GLY B 27 -7.61 17.24 -43.06
N ARG B 28 -8.22 18.39 -42.81
CA ARG B 28 -7.44 19.57 -42.43
C ARG B 28 -7.27 19.67 -40.93
N GLN B 29 -6.03 19.81 -40.47
CA GLN B 29 -5.77 19.93 -39.05
C GLN B 29 -6.32 21.26 -38.55
N VAL B 30 -7.18 21.19 -37.54
CA VAL B 30 -7.78 22.40 -37.00
C VAL B 30 -7.51 22.57 -35.52
N PHE B 31 -6.85 21.59 -34.91
CA PHE B 31 -6.60 21.67 -33.48
C PHE B 31 -5.55 20.67 -33.02
N GLN B 32 -4.75 21.06 -32.04
CA GLN B 32 -3.75 20.16 -31.48
C GLN B 32 -3.38 20.58 -30.08
N GLN B 33 -3.41 19.63 -29.16
CA GLN B 33 -3.07 19.90 -27.78
C GLN B 33 -2.54 18.65 -27.13
N THR B 34 -1.57 18.82 -26.26
CA THR B 34 -0.98 17.69 -25.55
C THR B 34 -1.53 17.76 -24.12
N ILE B 35 -2.03 16.63 -23.63
CA ILE B 35 -2.64 16.59 -22.31
C ILE B 35 -2.21 15.42 -21.42
N SER B 36 -2.03 15.74 -20.14
CA SER B 36 -1.68 14.73 -19.14
C SER B 36 -2.69 14.91 -18.02
N CYS B 37 -3.41 13.84 -17.69
CA CYS B 37 -4.43 13.90 -16.64
C CYS B 37 -4.67 12.50 -16.09
N PRO B 38 -4.72 12.36 -14.75
CA PRO B 38 -4.94 11.05 -14.14
C PRO B 38 -6.25 10.37 -14.58
N GLU B 39 -7.26 11.16 -14.91
CA GLU B 39 -8.54 10.62 -15.34
C GLU B 39 -8.69 10.60 -16.86
N GLY B 40 -7.57 10.76 -17.57
CA GLY B 40 -7.62 10.75 -19.01
C GLY B 40 -8.19 12.02 -19.58
N LEU B 41 -8.85 11.91 -20.74
CA LEU B 41 -9.42 13.08 -21.40
C LEU B 41 -10.83 12.86 -21.92
N ARG B 42 -11.49 13.94 -22.29
CA ARG B 42 -12.82 13.87 -22.88
C ARG B 42 -12.88 14.83 -24.06
N LEU B 43 -13.17 14.30 -25.25
CA LEU B 43 -13.27 15.13 -26.44
C LEU B 43 -14.67 15.72 -26.42
N VAL B 44 -14.77 17.05 -26.36
CA VAL B 44 -16.08 17.70 -26.28
C VAL B 44 -16.28 18.82 -27.30
N GLY B 45 -17.51 19.33 -27.35
CA GLY B 45 -17.84 20.42 -28.25
C GLY B 45 -18.09 21.67 -27.40
N SER B 46 -17.98 21.50 -26.09
CA SER B 46 -18.19 22.57 -25.12
C SER B 46 -19.55 23.25 -25.19
N GLU B 47 -20.60 22.51 -24.85
CA GLU B 47 -21.96 23.06 -24.84
C GLU B 47 -22.44 23.20 -23.40
N THR B 52 -18.15 18.79 -14.66
CA THR B 52 -18.81 17.96 -13.64
C THR B 52 -18.50 16.49 -13.90
N LEU B 53 -17.75 16.22 -14.96
CA LEU B 53 -17.36 14.86 -15.31
C LEU B 53 -15.85 14.74 -15.18
N PRO B 54 -15.35 13.54 -14.83
CA PRO B 54 -13.90 13.38 -14.71
C PRO B 54 -13.25 13.40 -16.09
N GLY B 55 -11.96 13.67 -16.15
CA GLY B 55 -11.26 13.71 -17.42
C GLY B 55 -11.07 15.12 -17.93
N TRP B 56 -9.89 15.38 -18.50
CA TRP B 56 -9.56 16.70 -19.02
C TRP B 56 -10.36 16.99 -20.29
N PRO B 57 -11.17 18.07 -20.27
CA PRO B 57 -11.96 18.41 -21.45
C PRO B 57 -11.13 19.02 -22.56
N VAL B 58 -11.21 18.42 -23.74
CA VAL B 58 -10.49 18.92 -24.90
C VAL B 58 -11.57 19.37 -25.87
N THR B 59 -11.68 20.68 -26.05
CA THR B 59 -12.70 21.27 -26.90
C THR B 59 -12.37 21.39 -28.38
N LEU B 60 -13.14 20.72 -29.21
CA LEU B 60 -12.94 20.79 -30.66
C LEU B 60 -13.46 22.17 -31.07
N PRO B 61 -12.76 22.86 -31.96
CA PRO B 61 -13.14 24.20 -32.45
C PRO B 61 -14.33 24.30 -33.40
N ASP B 62 -14.93 25.47 -33.43
CA ASP B 62 -16.05 25.71 -34.34
C ASP B 62 -15.40 25.70 -35.72
N PRO B 63 -16.02 25.04 -36.71
CA PRO B 63 -15.47 24.98 -38.07
C PRO B 63 -15.43 26.30 -38.82
N GLY B 64 -16.20 27.28 -38.34
CA GLY B 64 -16.21 28.56 -39.01
C GLY B 64 -14.84 29.20 -39.00
N MET B 65 -13.99 28.74 -38.09
CA MET B 65 -12.64 29.25 -37.94
C MET B 65 -11.63 28.68 -38.93
N SER B 66 -12.03 27.69 -39.73
CA SER B 66 -11.10 27.08 -40.66
C SER B 66 -11.67 26.57 -41.97
N LEU B 67 -12.98 26.35 -42.02
CA LEU B 67 -13.61 25.82 -43.23
C LEU B 67 -14.40 26.84 -44.03
N THR B 68 -14.66 26.48 -45.29
CA THR B 68 -15.41 27.32 -46.22
C THR B 68 -16.58 26.53 -46.80
N ASP B 69 -16.40 25.21 -46.87
CA ASP B 69 -17.44 24.33 -47.40
C ASP B 69 -18.63 24.35 -46.46
N ARG B 70 -19.76 24.86 -46.95
CA ARG B 70 -20.98 24.94 -46.15
C ARG B 70 -21.50 23.57 -45.70
N GLY B 71 -21.47 22.60 -46.60
CA GLY B 71 -21.93 21.27 -46.26
C GLY B 71 -21.14 20.64 -45.12
N VAL B 72 -19.82 20.73 -45.21
CA VAL B 72 -18.96 20.16 -44.18
C VAL B 72 -19.14 20.92 -42.86
N MET B 73 -19.15 22.25 -42.93
CA MET B 73 -19.32 23.06 -41.73
C MET B 73 -20.60 22.66 -40.99
N SER B 74 -21.67 22.44 -41.74
CA SER B 74 -22.94 22.05 -41.15
C SER B 74 -22.83 20.70 -40.44
N TYR B 75 -22.20 19.74 -41.10
CA TYR B 75 -22.04 18.41 -40.50
C TYR B 75 -21.21 18.51 -39.23
N VAL B 76 -20.09 19.23 -39.31
CA VAL B 76 -19.23 19.37 -38.15
C VAL B 76 -19.99 20.02 -37.00
N ARG B 77 -20.79 21.04 -37.30
CA ARG B 77 -21.54 21.68 -36.22
C ARG B 77 -22.55 20.72 -35.58
N HIS B 78 -23.09 19.80 -36.38
CA HIS B 78 -24.02 18.83 -35.83
C HIS B 78 -23.26 17.89 -34.88
N VAL B 79 -22.06 17.49 -35.26
CA VAL B 79 -21.28 16.61 -34.40
C VAL B 79 -20.86 17.32 -33.12
N LEU B 80 -20.49 18.60 -33.21
CA LEU B 80 -20.12 19.34 -32.01
C LEU B 80 -21.33 19.36 -31.09
N SER B 81 -22.52 19.35 -31.69
CA SER B 81 -23.77 19.39 -30.92
C SER B 81 -24.11 18.07 -30.21
N CYS B 82 -23.79 16.93 -30.82
CA CYS B 82 -24.08 15.64 -30.17
C CYS B 82 -23.01 15.19 -29.20
N LEU B 83 -21.83 15.83 -29.20
CA LEU B 83 -20.76 15.37 -28.32
C LEU B 83 -21.14 15.26 -26.84
N GLY B 84 -21.88 16.23 -26.32
CA GLY B 84 -22.28 16.19 -24.92
C GLY B 84 -21.12 15.94 -23.97
N GLY B 85 -21.27 14.95 -23.09
CA GLY B 85 -20.23 14.62 -22.13
C GLY B 85 -18.91 14.32 -22.83
N GLY B 86 -18.98 13.89 -24.08
CA GLY B 86 -17.78 13.63 -24.87
C GLY B 86 -17.30 12.21 -25.04
N LEU B 87 -16.20 12.08 -25.78
CA LEU B 87 -15.57 10.79 -26.02
C LEU B 87 -14.49 10.74 -24.95
N ALA B 88 -14.66 9.83 -23.99
CA ALA B 88 -13.70 9.69 -22.91
C ALA B 88 -12.64 8.66 -23.28
N LEU B 89 -11.39 8.97 -22.95
CA LEU B 89 -10.26 8.08 -23.21
C LEU B 89 -9.38 8.15 -21.98
N TRP B 90 -9.07 6.99 -21.40
CA TRP B 90 -8.23 6.97 -20.21
C TRP B 90 -7.45 5.66 -20.12
N ARG B 91 -6.44 5.64 -19.26
CA ARG B 91 -5.66 4.43 -19.07
C ARG B 91 -5.94 3.81 -17.72
N ALA B 92 -5.93 2.49 -17.71
CA ALA B 92 -6.11 1.71 -16.48
C ALA B 92 -5.17 0.53 -16.70
N GLY B 93 -4.03 0.55 -16.03
CA GLY B 93 -3.08 -0.53 -16.19
C GLY B 93 -2.44 -0.51 -17.58
N GLN B 94 -2.44 -1.66 -18.25
CA GLN B 94 -1.85 -1.76 -19.58
C GLN B 94 -2.83 -1.42 -20.69
N TRP B 95 -4.07 -1.10 -20.32
CA TRP B 95 -5.12 -0.80 -21.30
C TRP B 95 -5.57 0.65 -21.40
N LEU B 96 -5.93 1.05 -22.62
CA LEU B 96 -6.49 2.38 -22.84
C LEU B 96 -7.94 2.03 -23.10
N TRP B 97 -8.83 2.73 -22.40
CA TRP B 97 -10.27 2.51 -22.51
C TRP B 97 -10.98 3.73 -23.07
N ALA B 98 -12.06 3.50 -23.81
CA ALA B 98 -12.85 4.61 -24.36
C ALA B 98 -14.31 4.37 -24.07
N GLN B 99 -15.05 5.45 -23.89
CA GLN B 99 -16.48 5.33 -23.64
C GLN B 99 -17.12 6.58 -24.20
N ARG B 100 -18.18 6.39 -24.98
CA ARG B 100 -18.88 7.51 -25.59
C ARG B 100 -19.96 7.96 -24.62
N LEU B 101 -19.73 9.12 -24.00
CA LEU B 101 -20.65 9.64 -22.99
C LEU B 101 -21.78 10.50 -23.55
N GLY B 102 -21.58 11.03 -24.75
CA GLY B 102 -22.58 11.87 -25.36
C GLY B 102 -23.54 11.14 -26.29
N HIS B 103 -23.96 11.81 -27.35
CA HIS B 103 -24.93 11.25 -28.28
C HIS B 103 -24.39 10.92 -29.66
N CYS B 104 -23.13 11.24 -29.92
CA CYS B 104 -22.53 10.97 -31.23
C CYS B 104 -22.06 9.54 -31.39
N HIS B 105 -22.46 8.89 -32.47
CA HIS B 105 -21.94 7.54 -32.72
C HIS B 105 -20.48 7.78 -33.07
N THR B 106 -19.58 7.16 -32.30
CA THR B 106 -18.15 7.35 -32.48
C THR B 106 -17.43 6.04 -32.76
N TYR B 107 -16.61 6.03 -33.80
CA TYR B 107 -15.91 4.82 -34.19
C TYR B 107 -14.41 4.99 -34.03
N TRP B 108 -13.70 3.89 -33.79
CA TRP B 108 -12.27 3.96 -33.58
C TRP B 108 -11.46 2.96 -34.39
N ALA B 109 -10.16 3.24 -34.47
CA ALA B 109 -9.23 2.37 -35.16
C ALA B 109 -7.82 2.70 -34.66
N VAL B 110 -6.99 1.66 -34.54
CA VAL B 110 -5.59 1.84 -34.17
C VAL B 110 -4.92 1.81 -35.54
N SER B 111 -4.09 2.81 -35.83
CA SER B 111 -3.47 2.87 -37.14
C SER B 111 -2.16 3.63 -37.10
N GLU B 112 -1.64 3.95 -38.29
CA GLU B 112 -0.41 4.73 -38.38
C GLU B 112 -0.80 6.16 -38.03
N GLU B 113 0.16 7.07 -37.99
CA GLU B 113 -0.12 8.46 -37.65
C GLU B 113 -0.85 9.20 -38.76
N LEU B 114 -1.04 8.55 -39.89
CA LEU B 114 -1.74 9.14 -41.02
C LEU B 114 -3.25 8.97 -40.86
N LEU B 115 -4.02 9.93 -41.37
CA LEU B 115 -5.48 9.89 -41.33
C LEU B 115 -5.85 8.65 -42.15
N PRO B 116 -6.47 7.63 -41.53
CA PRO B 116 -6.83 6.43 -42.26
C PRO B 116 -7.85 6.56 -43.39
N ASN B 117 -7.64 5.78 -44.45
CA ASN B 117 -8.56 5.76 -45.58
C ASN B 117 -9.81 5.05 -45.13
N SER B 118 -10.87 5.13 -45.91
CA SER B 118 -12.11 4.47 -45.54
C SER B 118 -11.88 2.96 -45.44
N GLY B 119 -11.03 2.45 -46.31
CA GLY B 119 -10.70 1.03 -46.32
C GLY B 119 -11.89 0.11 -46.14
N HIS B 120 -11.81 -0.78 -45.16
CA HIS B 120 -12.90 -1.72 -44.88
C HIS B 120 -13.65 -1.32 -43.61
N GLY B 121 -13.56 -0.05 -43.23
CA GLY B 121 -14.25 0.41 -42.04
C GLY B 121 -13.38 0.53 -40.80
N PRO B 122 -13.96 1.00 -39.68
CA PRO B 122 -13.24 1.16 -38.42
C PRO B 122 -13.00 -0.17 -37.72
N ASP B 123 -12.23 -0.12 -36.62
CA ASP B 123 -11.94 -1.32 -35.85
C ASP B 123 -13.18 -1.66 -35.02
N GLY B 124 -13.99 -0.64 -34.74
CA GLY B 124 -15.21 -0.85 -33.97
C GLY B 124 -15.90 0.44 -33.59
N GLU B 125 -17.03 0.33 -32.89
CA GLU B 125 -17.74 1.51 -32.43
C GLU B 125 -17.53 1.61 -30.94
N VAL B 126 -17.20 2.81 -30.46
CA VAL B 126 -16.99 3.01 -29.03
C VAL B 126 -18.34 2.86 -28.33
N PRO B 127 -18.39 2.00 -27.29
CA PRO B 127 -19.63 1.79 -26.56
C PRO B 127 -19.97 2.94 -25.63
N LYS B 128 -21.26 3.06 -25.30
CA LYS B 128 -21.71 4.10 -24.39
C LYS B 128 -22.13 3.54 -23.04
N ASP B 129 -22.76 2.36 -23.04
CA ASP B 129 -23.22 1.77 -21.79
C ASP B 129 -22.12 1.24 -20.87
N LYS B 130 -20.94 0.98 -21.44
CA LYS B 130 -19.82 0.50 -20.66
C LYS B 130 -18.50 0.86 -21.34
N GLU B 131 -17.40 0.73 -20.60
CA GLU B 131 -16.08 1.04 -21.16
C GLU B 131 -15.73 0.03 -22.24
N GLY B 132 -14.97 0.48 -23.24
CA GLY B 132 -14.55 -0.41 -24.30
C GLY B 132 -13.04 -0.36 -24.43
N GLY B 133 -12.40 -1.52 -24.50
CA GLY B 133 -10.96 -1.53 -24.63
C GLY B 133 -10.56 -1.15 -26.05
N VAL B 134 -9.66 -0.17 -26.20
CA VAL B 134 -9.24 0.25 -27.54
C VAL B 134 -7.75 0.04 -27.80
N PHE B 135 -6.96 -0.17 -26.75
CA PHE B 135 -5.53 -0.40 -26.93
C PHE B 135 -4.93 -1.18 -25.77
N ASP B 136 -4.16 -2.21 -26.11
CA ASP B 136 -3.52 -3.07 -25.12
C ASP B 136 -2.00 -2.95 -25.30
N LEU B 137 -1.31 -2.42 -24.29
CA LEU B 137 0.14 -2.26 -24.37
C LEU B 137 0.89 -3.59 -24.48
N GLY B 138 0.26 -4.66 -23.97
CA GLY B 138 0.90 -5.97 -24.01
C GLY B 138 1.35 -6.39 -25.40
N PRO B 139 0.40 -6.59 -26.33
CA PRO B 139 0.74 -7.00 -27.70
C PRO B 139 1.64 -5.97 -28.39
N PHE B 140 1.48 -4.71 -28.02
CA PHE B 140 2.30 -3.64 -28.61
C PHE B 140 3.78 -3.88 -28.27
N ILE B 141 4.06 -4.17 -27.02
CA ILE B 141 5.45 -4.39 -26.62
C ILE B 141 6.01 -5.67 -27.25
N VAL B 142 5.22 -6.73 -27.29
CA VAL B 142 5.71 -7.96 -27.92
C VAL B 142 6.00 -7.71 -29.39
N ASP B 143 5.15 -6.93 -30.05
CA ASP B 143 5.36 -6.60 -31.46
C ASP B 143 6.55 -5.69 -31.63
N LEU B 144 6.76 -4.80 -30.66
CA LEU B 144 7.90 -3.89 -30.70
C LEU B 144 9.18 -4.72 -30.66
N ILE B 145 9.18 -5.77 -29.85
CA ILE B 145 10.34 -6.65 -29.74
C ILE B 145 10.55 -7.38 -31.06
N THR B 146 9.46 -7.87 -31.65
CA THR B 146 9.56 -8.58 -32.93
C THR B 146 10.14 -7.62 -33.96
N PHE B 147 9.73 -6.35 -33.88
CA PHE B 147 10.21 -5.32 -34.78
C PHE B 147 11.71 -5.14 -34.66
N THR B 148 12.22 -5.13 -33.43
CA THR B 148 13.65 -4.96 -33.21
C THR B 148 14.43 -6.18 -33.71
N GLU B 149 13.73 -7.29 -33.92
CA GLU B 149 14.39 -8.51 -34.38
C GLU B 149 14.32 -8.72 -35.89
N GLY B 150 14.16 -7.62 -36.63
CA GLY B 150 14.11 -7.72 -38.08
C GLY B 150 12.77 -8.14 -38.63
N SER B 151 12.07 -9.02 -37.91
CA SER B 151 10.77 -9.47 -38.35
C SER B 151 9.72 -8.50 -37.83
N GLY B 152 8.47 -8.69 -38.23
CA GLY B 152 7.40 -7.83 -37.80
C GLY B 152 7.58 -6.36 -38.10
N ARG B 153 6.51 -5.70 -38.53
CA ARG B 153 6.53 -4.28 -38.84
C ARG B 153 6.44 -3.52 -37.52
N SER B 154 6.71 -2.21 -37.54
CA SER B 154 6.63 -1.42 -36.33
C SER B 154 5.16 -1.40 -35.87
N PRO B 155 4.91 -1.65 -34.57
CA PRO B 155 3.55 -1.65 -34.04
C PRO B 155 2.86 -0.30 -34.11
N ARG B 156 1.56 -0.32 -34.35
CA ARG B 156 0.78 0.91 -34.42
C ARG B 156 0.39 1.35 -33.02
N TYR B 157 0.30 2.66 -32.81
CA TYR B 157 -0.07 3.20 -31.50
C TYR B 157 -0.98 4.41 -31.62
N ALA B 158 -1.34 4.80 -32.84
CA ALA B 158 -2.19 5.97 -33.01
C ALA B 158 -3.67 5.60 -32.98
N LEU B 159 -4.40 6.19 -32.04
CA LEU B 159 -5.84 5.95 -31.95
C LEU B 159 -6.55 7.02 -32.75
N TRP B 160 -7.45 6.59 -33.64
CA TRP B 160 -8.21 7.54 -34.43
C TRP B 160 -9.68 7.39 -34.09
N PHE B 161 -10.33 8.50 -33.80
CA PHE B 161 -11.74 8.49 -33.47
C PHE B 161 -12.50 9.28 -34.51
N CYS B 162 -13.42 8.60 -35.20
CA CYS B 162 -14.25 9.22 -36.20
C CYS B 162 -15.56 9.53 -35.49
N VAL B 163 -15.91 10.81 -35.39
CA VAL B 163 -17.13 11.21 -34.71
C VAL B 163 -18.24 11.56 -35.70
N GLY B 164 -19.36 10.85 -35.59
CA GLY B 164 -20.48 11.10 -36.48
C GLY B 164 -21.64 11.72 -35.71
N GLU B 165 -22.80 11.80 -36.36
CA GLU B 165 -23.98 12.39 -35.74
C GLU B 165 -24.69 11.41 -34.82
N SER B 166 -25.78 11.86 -34.20
CA SER B 166 -26.53 11.00 -33.30
C SER B 166 -27.43 10.02 -34.05
N TRP B 167 -27.79 10.36 -35.29
CA TRP B 167 -28.66 9.49 -36.08
C TRP B 167 -27.91 8.22 -36.48
N PRO B 168 -28.47 7.04 -36.17
CA PRO B 168 -27.89 5.72 -36.47
C PRO B 168 -27.66 5.38 -37.94
N GLN B 169 -28.37 6.05 -38.85
CA GLN B 169 -28.19 5.77 -40.27
C GLN B 169 -26.99 6.50 -40.84
N ASP B 170 -26.35 7.33 -40.02
CA ASP B 170 -25.17 8.07 -40.44
C ASP B 170 -24.07 7.04 -40.63
N GLN B 171 -23.25 7.23 -41.67
CA GLN B 171 -22.14 6.31 -41.94
C GLN B 171 -20.92 7.20 -42.06
N PRO B 172 -20.52 7.84 -40.94
CA PRO B 172 -19.37 8.75 -40.88
C PRO B 172 -18.01 8.26 -41.35
N TRP B 173 -17.75 6.96 -41.25
CA TRP B 173 -16.44 6.46 -41.68
C TRP B 173 -16.19 6.60 -43.17
N THR B 174 -17.26 6.70 -43.95
CA THR B 174 -17.08 6.83 -45.39
C THR B 174 -16.31 8.11 -45.77
N LYS B 175 -16.72 9.25 -45.21
CA LYS B 175 -16.04 10.51 -45.51
C LYS B 175 -15.08 10.97 -44.42
N ARG B 176 -15.23 10.45 -43.21
CA ARG B 176 -14.34 10.80 -42.10
C ARG B 176 -14.17 12.32 -41.97
N LEU B 177 -15.28 13.03 -41.92
CA LEU B 177 -15.27 14.50 -41.81
C LEU B 177 -14.72 15.00 -40.48
N VAL B 178 -15.02 14.31 -39.38
CA VAL B 178 -14.51 14.70 -38.07
C VAL B 178 -13.64 13.56 -37.55
N MET B 179 -12.33 13.80 -37.54
CA MET B 179 -11.37 12.79 -37.08
C MET B 179 -10.47 13.35 -36.00
N VAL B 180 -10.27 12.58 -34.95
CA VAL B 180 -9.38 13.00 -33.88
C VAL B 180 -8.37 11.91 -33.60
N LYS B 181 -7.10 12.26 -33.73
CA LYS B 181 -6.02 11.32 -33.47
C LYS B 181 -5.54 11.53 -32.05
N VAL B 182 -5.34 10.44 -31.34
CA VAL B 182 -4.84 10.51 -29.98
C VAL B 182 -3.62 9.63 -29.94
N VAL B 183 -2.48 10.24 -29.68
CA VAL B 183 -1.22 9.52 -29.62
C VAL B 183 -0.60 9.54 -28.24
N PRO B 184 -0.44 8.36 -27.61
CA PRO B 184 0.17 8.34 -26.28
C PRO B 184 1.63 8.57 -26.68
N THR B 185 2.18 9.72 -26.37
CA THR B 185 3.54 10.03 -26.79
C THR B 185 4.63 9.07 -26.33
N CYS B 186 4.39 8.31 -25.26
CA CYS B 186 5.38 7.34 -24.81
C CYS B 186 5.60 6.26 -25.87
N LEU B 187 4.51 5.85 -26.53
CA LEU B 187 4.57 4.82 -27.55
C LEU B 187 5.27 5.32 -28.80
N ARG B 188 5.03 6.57 -29.16
CA ARG B 188 5.69 7.14 -30.34
C ARG B 188 7.20 7.09 -30.07
N ALA B 189 7.58 7.44 -28.84
CA ALA B 189 8.99 7.44 -28.44
C ALA B 189 9.60 6.03 -28.45
N LEU B 190 8.85 5.05 -27.96
CA LEU B 190 9.33 3.67 -27.92
C LEU B 190 9.62 3.12 -29.32
N VAL B 191 8.77 3.45 -30.28
CA VAL B 191 8.96 3.00 -31.64
C VAL B 191 10.19 3.66 -32.27
N GLU B 192 10.34 4.96 -32.04
CA GLU B 192 11.49 5.67 -32.60
C GLU B 192 12.78 5.15 -32.00
N MET B 193 12.75 4.82 -30.70
CA MET B 193 13.92 4.30 -30.01
C MET B 193 14.33 2.96 -30.61
N ALA B 194 13.34 2.14 -30.97
CA ALA B 194 13.60 0.83 -31.56
C ALA B 194 14.06 0.99 -33.01
N ARG B 195 13.64 2.08 -33.64
CA ARG B 195 14.00 2.35 -35.02
C ARG B 195 15.47 2.73 -35.14
N VAL B 196 15.87 3.74 -34.39
CA VAL B 196 17.26 4.21 -34.42
C VAL B 196 18.21 3.21 -33.76
N GLY B 197 17.70 2.51 -32.73
CA GLY B 197 18.53 1.54 -32.04
C GLY B 197 18.96 0.37 -32.89
N GLY B 198 18.23 0.13 -33.98
CA GLY B 198 18.56 -0.98 -34.86
C GLY B 198 19.65 -0.63 -35.86
N ALA B 199 20.21 0.57 -35.74
CA ALA B 199 21.25 1.03 -36.64
C ALA B 199 22.64 0.73 -36.10
N SER B 200 22.80 0.85 -34.78
CA SER B 200 24.10 0.60 -34.15
C SER B 200 23.95 0.09 -32.72
N SEP B 201 24.99 0.28 -31.92
CA SEP B 201 24.99 -0.15 -30.53
CB SEP B 201 26.06 -1.20 -30.29
OG SEP B 201 27.36 -0.63 -30.40
C SEP B 201 25.23 1.04 -29.61
O SEP B 201 25.24 0.88 -28.39
P SEP B 201 28.35 -1.79 -30.94
O1P SEP B 201 27.92 -2.23 -32.29
O2P SEP B 201 29.85 -1.20 -31.02
O3P SEP B 201 28.32 -3.04 -29.92
N LEU B 202 25.43 2.21 -30.20
CA LEU B 202 25.66 3.42 -29.40
C LEU B 202 24.44 3.70 -28.54
N GLU B 203 24.61 4.56 -27.54
CA GLU B 203 23.50 4.89 -26.66
C GLU B 203 22.59 5.97 -27.23
N ASN B 204 21.30 5.66 -27.28
CA ASN B 204 20.29 6.58 -27.77
C ASN B 204 19.40 6.91 -26.57
N THR B 205 18.83 8.11 -26.57
CA THR B 205 17.96 8.50 -25.46
C THR B 205 16.49 8.37 -25.83
N VAL B 206 15.70 7.89 -24.89
CA VAL B 206 14.27 7.74 -25.10
C VAL B 206 13.55 8.47 -23.97
N ASP B 207 12.54 9.25 -24.34
CA ASP B 207 11.76 10.01 -23.37
C ASP B 207 10.39 9.34 -23.28
N LEU B 208 10.06 8.82 -22.11
CA LEU B 208 8.79 8.12 -21.90
C LEU B 208 7.58 9.04 -21.86
N HIS B 209 7.81 10.34 -21.70
CA HIS B 209 6.72 11.30 -21.64
C HIS B 209 5.65 10.90 -20.64
N ILE B 210 6.07 10.63 -19.41
CA ILE B 210 5.15 10.28 -18.35
C ILE B 210 5.52 11.20 -17.19
N SER B 211 4.62 11.35 -16.24
CA SER B 211 4.85 12.25 -15.12
C SER B 211 6.17 12.03 -14.39
N ASN B 212 6.82 13.14 -14.03
CA ASN B 212 8.07 13.13 -13.29
C ASN B 212 9.11 12.12 -13.81
N SER B 213 9.48 12.26 -15.07
CA SER B 213 10.45 11.37 -15.67
C SER B 213 11.49 12.19 -16.44
N HIS B 214 12.58 11.54 -16.83
CA HIS B 214 13.64 12.20 -17.59
C HIS B 214 14.09 11.25 -18.69
N PRO B 215 14.61 11.80 -19.79
CA PRO B 215 15.08 10.96 -20.90
C PRO B 215 16.02 9.87 -20.42
N LEU B 216 15.87 8.67 -20.97
CA LEU B 216 16.71 7.53 -20.59
C LEU B 216 17.75 7.27 -21.66
N SEP B 217 18.99 7.02 -21.24
CA SEP B 217 20.06 6.73 -22.19
CB SEP B 217 21.34 7.48 -21.78
OG SEP B 217 21.08 8.87 -21.70
C SEP B 217 20.29 5.23 -22.15
O SEP B 217 20.65 4.67 -21.11
P SEP B 217 22.45 9.66 -22.03
O1P SEP B 217 22.97 10.24 -20.78
O2P SEP B 217 23.54 8.67 -22.67
O3P SEP B 217 22.13 10.84 -23.08
N LEU B 218 20.08 4.56 -23.28
CA LEU B 218 20.26 3.11 -23.34
C LEU B 218 20.79 2.64 -24.68
N THR B 219 21.55 1.54 -24.64
CA THR B 219 22.08 0.95 -25.86
C THR B 219 20.95 0.07 -26.37
N SER B 220 21.07 -0.42 -27.59
CA SER B 220 20.05 -1.28 -28.17
C SER B 220 19.85 -2.54 -27.33
N ASP B 221 20.95 -3.12 -26.85
CA ASP B 221 20.85 -4.34 -26.04
C ASP B 221 20.14 -4.09 -24.70
N GLN B 222 20.46 -2.98 -24.05
CA GLN B 222 19.83 -2.66 -22.77
C GLN B 222 18.35 -2.39 -22.99
N TYR B 223 18.04 -1.67 -24.06
CA TYR B 223 16.66 -1.35 -24.39
C TYR B 223 15.87 -2.63 -24.62
N LYS B 224 16.43 -3.53 -25.41
CA LYS B 224 15.76 -4.79 -25.70
C LYS B 224 15.59 -5.65 -24.45
N ALA B 225 16.56 -5.60 -23.55
CA ALA B 225 16.48 -6.38 -22.32
C ALA B 225 15.32 -5.85 -21.46
N TYR B 226 15.19 -4.53 -21.39
CA TYR B 226 14.11 -3.94 -20.60
C TYR B 226 12.75 -4.21 -21.23
N LEU B 227 12.70 -4.26 -22.56
CA LEU B 227 11.43 -4.54 -23.24
C LEU B 227 10.98 -5.96 -22.92
N GLN B 228 11.94 -6.89 -22.93
CA GLN B 228 11.64 -8.29 -22.64
C GLN B 228 11.11 -8.47 -21.22
N ASP B 229 11.70 -7.74 -20.27
CA ASP B 229 11.26 -7.83 -18.88
C ASP B 229 9.91 -7.13 -18.69
N LEU B 230 9.68 -6.07 -19.44
CA LEU B 230 8.42 -5.31 -19.36
C LEU B 230 7.25 -6.24 -19.65
N VAL B 231 7.48 -7.20 -20.55
CA VAL B 231 6.45 -8.16 -20.93
C VAL B 231 5.93 -8.91 -19.71
N GLU B 232 6.82 -9.19 -18.76
CA GLU B 232 6.42 -9.90 -17.54
C GLU B 232 5.51 -9.06 -16.65
N GLY B 233 5.49 -7.75 -16.89
CA GLY B 233 4.66 -6.87 -16.08
C GLY B 233 3.26 -6.65 -16.62
N MET B 234 2.88 -7.42 -17.64
CA MET B 234 1.57 -7.29 -18.24
C MET B 234 0.87 -8.63 -18.43
N ASP B 235 -0.46 -8.59 -18.55
CA ASP B 235 -1.24 -9.80 -18.74
C ASP B 235 -1.40 -10.16 -20.21
N PHE B 236 -1.43 -11.45 -20.48
CA PHE B 236 -1.60 -11.98 -21.82
C PHE B 236 -2.53 -13.16 -21.63
N GLN B 237 -3.71 -13.10 -22.24
CA GLN B 237 -4.68 -14.17 -22.12
C GLN B 237 -4.19 -15.44 -22.78
N GLY B 238 -4.38 -16.56 -22.08
CA GLY B 238 -3.97 -17.85 -22.61
C GLY B 238 -5.12 -18.57 -23.28
N PRO B 239 -4.84 -19.59 -24.10
CA PRO B 239 -5.85 -20.38 -24.81
C PRO B 239 -7.01 -20.84 -23.94
N GLY B 240 -8.13 -20.10 -24.01
CA GLY B 240 -9.31 -20.45 -23.24
C GLY B 240 -9.15 -20.40 -21.72
N GLU B 241 -8.89 -19.20 -21.19
CA GLU B 241 -8.74 -19.04 -19.75
C GLU B 241 -10.11 -18.89 -19.07
N GLU C 4 -10.83 35.12 -20.58
CA GLU C 4 -10.72 34.61 -19.19
C GLU C 4 -9.38 35.01 -18.57
N ASN C 5 -9.27 34.83 -17.26
CA ASN C 5 -8.04 35.15 -16.53
C ASN C 5 -7.16 33.90 -16.48
N PRO C 6 -6.05 33.90 -17.25
CA PRO C 6 -5.15 32.74 -17.28
C PRO C 6 -4.59 32.37 -15.91
N LEU C 7 -4.42 33.36 -15.04
CA LEU C 7 -3.88 33.11 -13.71
C LEU C 7 -4.83 32.30 -12.83
N LYS C 8 -6.14 32.39 -13.08
CA LYS C 8 -7.09 31.64 -12.28
C LYS C 8 -6.93 30.13 -12.44
N ARG C 9 -6.21 29.71 -13.48
CA ARG C 9 -5.99 28.29 -13.71
C ARG C 9 -5.17 27.71 -12.55
N LEU C 10 -4.49 28.57 -11.83
CA LEU C 10 -3.69 28.16 -10.68
C LEU C 10 -4.55 27.49 -9.62
N LEU C 11 -5.79 27.93 -9.51
CA LEU C 11 -6.70 27.42 -8.47
C LEU C 11 -7.58 26.23 -8.77
N VAL C 12 -7.98 26.08 -10.02
CA VAL C 12 -8.88 24.99 -10.38
C VAL C 12 -8.34 23.61 -10.02
N PRO C 13 -9.21 22.75 -9.46
CA PRO C 13 -8.79 21.40 -9.09
C PRO C 13 -8.55 20.66 -10.41
N GLY C 14 -7.44 19.95 -10.48
CA GLY C 14 -7.11 19.25 -11.70
C GLY C 14 -5.80 19.83 -12.21
N GLU C 15 -5.53 21.08 -11.85
CA GLU C 15 -4.29 21.73 -12.24
C GLU C 15 -3.18 21.39 -11.26
N GLU C 16 -2.31 20.47 -11.64
CA GLU C 16 -1.21 20.07 -10.78
C GLU C 16 -0.08 21.10 -10.76
N TRP C 17 0.28 21.53 -9.56
CA TRP C 17 1.37 22.50 -9.41
C TRP C 17 2.71 21.77 -9.40
N GLU C 18 3.69 22.33 -10.07
CA GLU C 18 5.03 21.74 -10.08
C GLU C 18 5.75 22.22 -8.82
N PHE C 19 6.32 21.29 -8.06
CA PHE C 19 7.06 21.63 -6.85
C PHE C 19 8.52 21.25 -6.98
N GLU C 20 9.42 22.20 -6.69
CA GLU C 20 10.85 21.94 -6.73
C GLU C 20 11.32 21.58 -5.33
N VAL C 21 11.84 20.36 -5.17
CA VAL C 21 12.30 19.90 -3.86
C VAL C 21 13.83 19.88 -3.84
N THR C 22 14.40 20.57 -2.85
CA THR C 22 15.86 20.61 -2.72
C THR C 22 16.22 20.29 -1.27
N ALA C 23 17.05 19.25 -1.10
CA ALA C 23 17.46 18.82 0.24
C ALA C 23 18.88 19.25 0.57
N PHE C 24 19.10 19.61 1.83
CA PHE C 24 20.40 20.07 2.30
C PHE C 24 20.81 19.33 3.57
N TYR C 25 22.02 18.80 3.58
CA TYR C 25 22.54 18.12 4.77
C TYR C 25 23.65 19.04 5.31
N ARG C 26 23.39 19.64 6.46
CA ARG C 26 24.34 20.56 7.08
C ARG C 26 24.61 21.71 6.11
N GLY C 27 23.55 22.18 5.46
CA GLY C 27 23.69 23.29 4.53
C GLY C 27 24.18 22.94 3.12
N ARG C 28 24.53 21.68 2.90
CA ARG C 28 25.02 21.25 1.60
C ARG C 28 23.92 20.60 0.76
N GLN C 29 23.68 21.13 -0.44
CA GLN C 29 22.66 20.57 -1.31
C GLN C 29 23.08 19.16 -1.74
N VAL C 30 22.22 18.18 -1.46
CA VAL C 30 22.52 16.80 -1.79
C VAL C 30 21.46 16.16 -2.68
N PHE C 31 20.41 16.90 -3.00
CA PHE C 31 19.33 16.36 -3.81
C PHE C 31 18.37 17.43 -4.29
N GLN C 32 17.92 17.30 -5.52
CA GLN C 32 16.95 18.23 -6.09
C GLN C 32 16.10 17.50 -7.12
N GLN C 33 14.79 17.65 -6.99
CA GLN C 33 13.87 17.01 -7.91
C GLN C 33 12.60 17.83 -8.02
N THR C 34 12.06 17.92 -9.22
CA THR C 34 10.83 18.65 -9.45
C THR C 34 9.71 17.63 -9.57
N ILE C 35 8.64 17.85 -8.82
CA ILE C 35 7.52 16.92 -8.80
C ILE C 35 6.15 17.55 -9.06
N SER C 36 5.31 16.81 -9.79
CA SER C 36 3.94 17.21 -10.07
C SER C 36 3.11 15.97 -9.79
N CYS C 37 2.13 16.11 -8.90
CA CYS C 37 1.27 14.98 -8.53
C CYS C 37 -0.01 15.50 -7.90
N PRO C 38 -1.16 14.95 -8.32
CA PRO C 38 -2.47 15.36 -7.79
C PRO C 38 -2.53 15.27 -6.27
N GLU C 39 -1.90 14.24 -5.70
CA GLU C 39 -1.92 14.02 -4.26
C GLU C 39 -0.73 14.65 -3.55
N GLY C 40 -0.01 15.54 -4.22
CA GLY C 40 1.13 16.17 -3.60
C GLY C 40 2.33 15.26 -3.50
N LEU C 41 3.18 15.49 -2.50
CA LEU C 41 4.39 14.71 -2.33
C LEU C 41 4.62 14.26 -0.90
N ARG C 42 5.56 13.35 -0.73
CA ARG C 42 5.92 12.84 0.58
C ARG C 42 7.44 12.73 0.66
N LEU C 43 8.04 13.41 1.62
CA LEU C 43 9.49 13.35 1.79
C LEU C 43 9.74 12.10 2.63
N VAL C 44 10.48 11.14 2.07
CA VAL C 44 10.73 9.90 2.79
C VAL C 44 12.20 9.48 2.80
N GLY C 45 12.47 8.43 3.57
CA GLY C 45 13.80 7.88 3.64
C GLY C 45 13.73 6.56 2.92
N SER C 46 12.50 6.15 2.61
CA SER C 46 12.21 4.88 1.94
C SER C 46 13.04 3.74 2.53
N THR C 52 0.12 1.25 0.18
CA THR C 52 1.01 2.39 0.36
C THR C 52 0.25 3.63 0.81
N LEU C 53 0.85 4.79 0.59
CA LEU C 53 0.25 6.06 0.95
C LEU C 53 0.16 6.97 -0.28
N PRO C 54 -0.86 7.84 -0.33
CA PRO C 54 -1.00 8.75 -1.46
C PRO C 54 0.14 9.76 -1.45
N GLY C 55 0.40 10.38 -2.60
CA GLY C 55 1.48 11.36 -2.66
C GLY C 55 2.73 10.76 -3.26
N TRP C 56 3.41 11.54 -4.09
CA TRP C 56 4.63 11.09 -4.75
C TRP C 56 5.81 11.02 -3.79
N PRO C 57 6.36 9.82 -3.58
CA PRO C 57 7.51 9.65 -2.68
C PRO C 57 8.80 10.24 -3.20
N VAL C 58 9.36 11.16 -2.43
CA VAL C 58 10.62 11.82 -2.77
C VAL C 58 11.63 11.30 -1.75
N THR C 59 12.51 10.42 -2.20
CA THR C 59 13.50 9.81 -1.31
C THR C 59 14.74 10.65 -1.08
N LEU C 60 15.00 10.98 0.18
CA LEU C 60 16.18 11.75 0.56
C LEU C 60 17.35 10.78 0.48
N PRO C 61 18.48 11.20 -0.12
CA PRO C 61 19.68 10.37 -0.28
C PRO C 61 20.45 10.01 0.98
N ASP C 62 21.20 8.90 0.88
CA ASP C 62 22.03 8.44 1.98
C ASP C 62 23.14 9.47 2.13
N PRO C 63 23.44 9.89 3.37
CA PRO C 63 24.48 10.89 3.60
C PRO C 63 25.88 10.44 3.17
N GLY C 64 26.04 9.15 2.91
CA GLY C 64 27.33 8.64 2.50
C GLY C 64 27.69 9.09 1.09
N MET C 65 26.68 9.46 0.32
CA MET C 65 26.87 9.90 -1.06
C MET C 65 27.42 11.33 -1.16
N SER C 66 27.47 12.05 -0.05
CA SER C 66 27.95 13.42 -0.07
C SER C 66 28.80 13.84 1.13
N LEU C 67 28.31 13.56 2.33
CA LEU C 67 29.01 13.94 3.55
C LEU C 67 30.24 13.09 3.85
N THR C 68 31.08 13.60 4.74
CA THR C 68 32.30 12.92 5.16
C THR C 68 32.41 12.93 6.67
N ASP C 69 31.74 13.89 7.30
CA ASP C 69 31.74 14.01 8.75
C ASP C 69 30.87 12.94 9.37
N ARG C 70 31.50 11.99 10.06
CA ARG C 70 30.80 10.89 10.70
C ARG C 70 29.73 11.37 11.67
N GLY C 71 29.99 12.48 12.35
CA GLY C 71 29.04 13.01 13.30
C GLY C 71 27.71 13.40 12.67
N VAL C 72 27.77 14.26 11.66
CA VAL C 72 26.56 14.70 10.97
C VAL C 72 25.92 13.55 10.19
N MET C 73 26.75 12.70 9.59
CA MET C 73 26.24 11.57 8.82
C MET C 73 25.39 10.66 9.70
N SER C 74 25.80 10.49 10.95
CA SER C 74 25.06 9.66 11.89
C SER C 74 23.68 10.25 12.14
N TYR C 75 23.64 11.55 12.42
CA TYR C 75 22.38 12.25 12.67
C TYR C 75 21.42 12.11 11.49
N VAL C 76 21.95 12.35 10.29
CA VAL C 76 21.12 12.26 9.09
C VAL C 76 20.54 10.87 8.94
N ARG C 77 21.35 9.84 9.21
CA ARG C 77 20.86 8.48 9.11
C ARG C 77 19.72 8.24 10.10
N HIS C 78 19.84 8.80 11.30
CA HIS C 78 18.80 8.64 12.30
C HIS C 78 17.52 9.30 11.79
N VAL C 79 17.67 10.45 11.17
CA VAL C 79 16.52 11.18 10.63
C VAL C 79 15.84 10.35 9.54
N LEU C 80 16.64 9.80 8.63
CA LEU C 80 16.07 8.99 7.56
C LEU C 80 15.33 7.80 8.17
N SER C 81 15.77 7.37 9.35
CA SER C 81 15.14 6.23 10.02
C SER C 81 13.77 6.54 10.60
N CYS C 82 13.53 7.78 11.06
CA CYS C 82 12.23 8.13 11.62
C CYS C 82 11.21 8.66 10.61
N LEU C 83 11.65 8.99 9.40
CA LEU C 83 10.73 9.53 8.40
C LEU C 83 9.47 8.70 8.17
N GLY C 84 9.62 7.38 8.09
CA GLY C 84 8.46 6.51 7.89
C GLY C 84 7.57 6.96 6.75
N GLY C 85 6.28 7.11 7.03
CA GLY C 85 5.33 7.56 6.02
C GLY C 85 5.81 8.82 5.34
N GLY C 86 6.61 9.60 6.06
CA GLY C 86 7.17 10.82 5.51
C GLY C 86 6.45 12.13 5.79
N LEU C 87 7.01 13.20 5.24
CA LEU C 87 6.43 14.53 5.40
C LEU C 87 5.58 14.75 4.17
N ALA C 88 4.26 14.80 4.36
CA ALA C 88 3.35 15.01 3.24
C ALA C 88 3.05 16.49 3.05
N LEU C 89 3.01 16.89 1.79
CA LEU C 89 2.72 18.27 1.40
C LEU C 89 1.83 18.20 0.18
N TRP C 90 0.70 18.88 0.21
CA TRP C 90 -0.21 18.89 -0.93
C TRP C 90 -1.02 20.17 -0.99
N ARG C 91 -1.67 20.39 -2.13
CA ARG C 91 -2.49 21.57 -2.31
C ARG C 91 -3.96 21.19 -2.35
N ALA C 92 -4.78 22.04 -1.77
CA ALA C 92 -6.23 21.88 -1.78
C ALA C 92 -6.73 23.30 -1.92
N GLY C 93 -7.21 23.66 -3.10
CA GLY C 93 -7.69 25.00 -3.32
C GLY C 93 -6.55 26.00 -3.25
N GLN C 94 -6.74 27.07 -2.48
CA GLN C 94 -5.72 28.10 -2.35
C GLN C 94 -4.72 27.80 -1.24
N TRP C 95 -4.90 26.67 -0.57
CA TRP C 95 -4.02 26.30 0.53
C TRP C 95 -3.07 25.13 0.30
N LEU C 96 -1.88 25.24 0.87
CA LEU C 96 -0.89 24.18 0.84
C LEU C 96 -0.96 23.62 2.25
N TRP C 97 -1.10 22.30 2.34
CA TRP C 97 -1.21 21.59 3.61
C TRP C 97 -0.05 20.65 3.84
N ALA C 98 0.28 20.40 5.10
CA ALA C 98 1.37 19.47 5.42
C ALA C 98 0.93 18.59 6.58
N GLN C 99 1.48 17.39 6.64
CA GLN C 99 1.17 16.48 7.73
C GLN C 99 2.35 15.53 7.90
N ARG C 100 2.76 15.34 9.15
CA ARG C 100 3.89 14.47 9.46
C ARG C 100 3.34 13.08 9.68
N LEU C 101 3.59 12.19 8.73
CA LEU C 101 3.08 10.82 8.79
C LEU C 101 3.97 9.84 9.54
N GLY C 102 5.26 10.18 9.65
CA GLY C 102 6.19 9.30 10.33
C GLY C 102 6.44 9.62 11.79
N HIS C 103 7.67 9.40 12.23
CA HIS C 103 8.04 9.61 13.63
C HIS C 103 8.99 10.77 13.89
N CYS C 104 9.45 11.43 12.82
CA CYS C 104 10.37 12.56 12.99
C CYS C 104 9.65 13.85 13.34
N HIS C 105 10.11 14.57 14.35
CA HIS C 105 9.48 15.86 14.64
C HIS C 105 9.95 16.74 13.49
N THR C 106 9.00 17.33 12.77
CA THR C 106 9.32 18.15 11.62
C THR C 106 8.75 19.54 11.78
N TYR C 107 9.58 20.55 11.55
CA TYR C 107 9.18 21.94 11.70
C TYR C 107 9.23 22.66 10.35
N TRP C 108 8.40 23.68 10.21
CA TRP C 108 8.34 24.41 8.95
C TRP C 108 8.38 25.91 9.12
N ALA C 109 8.68 26.59 8.01
CA ALA C 109 8.73 28.04 7.98
C ALA C 109 8.69 28.48 6.54
N VAL C 110 8.01 29.61 6.29
CA VAL C 110 7.95 30.20 4.96
C VAL C 110 9.07 31.24 5.01
N SER C 111 9.98 31.18 4.05
CA SER C 111 11.10 32.12 4.06
C SER C 111 11.55 32.44 2.64
N GLU C 112 12.76 33.01 2.54
CA GLU C 112 13.34 33.34 1.24
C GLU C 112 13.92 32.05 0.68
N GLU C 113 14.46 32.11 -0.53
CA GLU C 113 15.05 30.94 -1.17
C GLU C 113 16.29 30.44 -0.44
N LEU C 114 16.93 31.32 0.34
CA LEU C 114 18.14 30.93 1.08
C LEU C 114 17.78 30.17 2.35
N LEU C 115 18.66 29.25 2.74
CA LEU C 115 18.46 28.46 3.95
C LEU C 115 18.36 29.45 5.11
N PRO C 116 17.21 29.48 5.79
CA PRO C 116 16.99 30.41 6.91
C PRO C 116 17.84 30.15 8.16
N ASN C 117 18.13 31.21 8.91
CA ASN C 117 18.88 31.05 10.14
C ASN C 117 17.87 30.71 11.22
N SER C 118 18.34 30.31 12.40
CA SER C 118 17.44 29.96 13.49
C SER C 118 16.42 31.05 13.81
N GLY C 119 16.89 32.29 13.87
CA GLY C 119 16.00 33.40 14.17
C GLY C 119 15.15 33.18 15.40
N HIS C 120 13.84 33.38 15.27
CA HIS C 120 12.91 33.19 16.38
C HIS C 120 12.28 31.80 16.36
N GLY C 121 12.93 30.87 15.65
CA GLY C 121 12.41 29.51 15.57
C GLY C 121 11.56 29.33 14.32
N PRO C 122 10.98 28.13 14.11
CA PRO C 122 10.14 27.88 12.94
C PRO C 122 8.76 28.50 13.09
N ASP C 123 8.01 28.56 11.99
CA ASP C 123 6.66 29.11 12.06
C ASP C 123 5.78 28.15 12.85
N GLY C 124 6.18 26.88 12.91
CA GLY C 124 5.43 25.91 13.67
C GLY C 124 5.92 24.49 13.47
N GLU C 125 5.26 23.54 14.12
CA GLU C 125 5.63 22.14 13.94
C GLU C 125 4.53 21.50 13.12
N VAL C 126 4.92 20.71 12.12
CA VAL C 126 3.94 20.03 11.28
C VAL C 126 3.22 18.98 12.14
N PRO C 127 1.89 19.03 12.19
CA PRO C 127 1.11 18.08 12.98
C PRO C 127 1.08 16.69 12.35
N LYS C 128 0.84 15.68 13.17
CA LYS C 128 0.77 14.31 12.71
C LYS C 128 -0.67 13.79 12.75
N ASP C 129 -1.40 14.21 13.78
CA ASP C 129 -2.79 13.78 13.95
C ASP C 129 -3.72 14.25 12.84
N LYS C 130 -3.46 15.44 12.32
CA LYS C 130 -4.29 15.99 11.26
C LYS C 130 -3.47 16.91 10.36
N GLU C 131 -4.09 17.37 9.28
CA GLU C 131 -3.43 18.26 8.33
C GLU C 131 -3.18 19.62 8.96
N GLY C 132 -2.12 20.29 8.52
CA GLY C 132 -1.81 21.61 9.02
C GLY C 132 -1.59 22.54 7.85
N GLY C 133 -2.20 23.72 7.89
CA GLY C 133 -2.02 24.66 6.80
C GLY C 133 -0.65 25.29 6.90
N VAL C 134 0.09 25.32 5.80
CA VAL C 134 1.43 25.92 5.82
C VAL C 134 1.59 27.09 4.86
N PHE C 135 0.61 27.28 3.97
CA PHE C 135 0.70 28.38 3.00
C PHE C 135 -0.66 28.71 2.38
N ASP C 136 -0.98 30.00 2.35
CA ASP C 136 -2.24 30.48 1.78
C ASP C 136 -1.91 31.37 0.59
N LEU C 137 -2.33 30.97 -0.60
CA LEU C 137 -2.07 31.75 -1.81
C LEU C 137 -2.72 33.12 -1.75
N GLY C 138 -3.81 33.23 -0.99
CA GLY C 138 -4.53 34.49 -0.89
C GLY C 138 -3.64 35.66 -0.50
N PRO C 139 -3.08 35.66 0.73
CA PRO C 139 -2.22 36.74 1.19
C PRO C 139 -1.00 36.92 0.29
N PHE C 140 -0.51 35.81 -0.29
CA PHE C 140 0.64 35.88 -1.17
C PHE C 140 0.34 36.77 -2.35
N ILE C 141 -0.82 36.57 -2.98
CA ILE C 141 -1.17 37.38 -4.12
C ILE C 141 -1.45 38.85 -3.76
N VAL C 142 -2.10 39.09 -2.62
CA VAL C 142 -2.34 40.49 -2.27
C VAL C 142 -1.00 41.16 -1.96
N ASP C 143 -0.11 40.41 -1.31
CA ASP C 143 1.22 40.96 -0.99
C ASP C 143 2.01 41.19 -2.27
N LEU C 144 1.80 40.33 -3.26
CA LEU C 144 2.49 40.47 -4.53
C LEU C 144 2.02 41.75 -5.21
N ILE C 145 0.72 42.01 -5.17
CA ILE C 145 0.17 43.23 -5.76
C ILE C 145 0.76 44.44 -5.03
N THR C 146 0.77 44.37 -3.70
CA THR C 146 1.31 45.48 -2.91
C THR C 146 2.77 45.72 -3.33
N PHE C 147 3.48 44.63 -3.61
CA PHE C 147 4.87 44.73 -4.05
C PHE C 147 4.95 45.46 -5.38
N THR C 148 4.08 45.11 -6.32
CA THR C 148 4.09 45.76 -7.63
C THR C 148 3.77 47.25 -7.53
N GLU C 149 3.05 47.63 -6.46
CA GLU C 149 2.67 49.03 -6.27
C GLU C 149 3.71 49.79 -5.47
N GLY C 150 4.78 49.11 -5.09
CA GLY C 150 5.85 49.74 -4.32
C GLY C 150 5.51 50.07 -2.87
N SER C 151 4.56 49.35 -2.29
CA SER C 151 4.16 49.61 -0.91
C SER C 151 4.43 48.46 0.05
N GLY C 152 5.26 47.51 -0.38
CA GLY C 152 5.59 46.38 0.45
C GLY C 152 6.72 45.56 -0.16
N ARG C 153 7.32 44.68 0.63
CA ARG C 153 8.41 43.83 0.16
C ARG C 153 7.87 42.67 -0.66
N SER C 154 8.75 42.04 -1.45
CA SER C 154 8.34 40.90 -2.28
C SER C 154 7.86 39.79 -1.35
N PRO C 155 6.76 39.12 -1.71
CA PRO C 155 6.21 38.03 -0.91
C PRO C 155 7.05 36.75 -0.94
N ARG C 156 7.08 36.06 0.20
CA ARG C 156 7.86 34.84 0.32
C ARG C 156 7.02 33.64 -0.12
N TYR C 157 7.66 32.66 -0.76
CA TYR C 157 6.95 31.49 -1.25
C TYR C 157 7.72 30.18 -1.02
N ALA C 158 8.91 30.27 -0.45
CA ALA C 158 9.70 29.07 -0.20
C ALA C 158 9.38 28.41 1.11
N LEU C 159 8.98 27.14 1.05
CA LEU C 159 8.67 26.39 2.25
C LEU C 159 9.91 25.63 2.67
N TRP C 160 10.27 25.75 3.94
CA TRP C 160 11.44 25.05 4.46
C TRP C 160 11.01 24.08 5.54
N PHE C 161 11.43 22.82 5.40
CA PHE C 161 11.09 21.82 6.39
C PHE C 161 12.35 21.31 7.08
N CYS C 162 12.38 21.42 8.40
CA CYS C 162 13.51 20.97 9.20
C CYS C 162 13.08 19.64 9.81
N VAL C 163 13.80 18.57 9.47
CA VAL C 163 13.45 17.26 9.99
C VAL C 163 14.41 16.84 11.09
N GLY C 164 13.85 16.55 12.27
CA GLY C 164 14.65 16.14 13.40
C GLY C 164 14.39 14.69 13.72
N GLU C 165 14.94 14.22 14.83
CA GLU C 165 14.76 12.82 15.24
C GLU C 165 13.40 12.63 15.91
N SER C 166 13.06 11.38 16.23
CA SER C 166 11.78 11.09 16.87
C SER C 166 11.82 11.53 18.33
N TRP C 167 13.01 11.46 18.93
CA TRP C 167 13.21 11.84 20.32
C TRP C 167 13.38 13.36 20.34
N PRO C 168 12.38 14.08 20.90
CA PRO C 168 12.37 15.54 21.00
C PRO C 168 13.38 16.16 21.95
N GLN C 169 14.67 15.90 21.72
CA GLN C 169 15.70 16.46 22.58
C GLN C 169 16.84 17.04 21.75
N ASP C 170 16.75 16.86 20.43
CA ASP C 170 17.78 17.36 19.53
C ASP C 170 17.59 18.80 19.10
N GLN C 171 16.41 19.36 19.34
CA GLN C 171 16.11 20.75 18.98
C GLN C 171 16.74 21.01 17.60
N PRO C 172 16.25 20.29 16.59
CA PRO C 172 16.74 20.38 15.21
C PRO C 172 16.83 21.76 14.57
N TRP C 173 15.93 22.67 14.90
CA TRP C 173 15.95 24.00 14.29
C TRP C 173 17.19 24.84 14.63
N THR C 174 17.91 24.45 15.67
CA THR C 174 19.12 25.20 16.05
C THR C 174 20.23 24.96 15.03
N LYS C 175 20.55 23.70 14.76
CA LYS C 175 21.58 23.37 13.79
C LYS C 175 21.05 23.15 12.38
N ARG C 176 19.75 22.89 12.26
CA ARG C 176 19.13 22.67 10.96
C ARG C 176 19.99 21.78 10.06
N LEU C 177 20.31 20.58 10.56
CA LEU C 177 21.14 19.63 9.82
C LEU C 177 20.45 18.99 8.63
N VAL C 178 19.15 18.78 8.72
CA VAL C 178 18.39 18.20 7.63
C VAL C 178 17.32 19.22 7.26
N MET C 179 17.51 19.87 6.13
CA MET C 179 16.58 20.89 5.65
C MET C 179 16.12 20.59 4.23
N VAL C 180 14.82 20.70 4.00
CA VAL C 180 14.28 20.47 2.67
C VAL C 180 13.45 21.69 2.28
N LYS C 181 13.83 22.30 1.16
CA LYS C 181 13.11 23.45 0.64
C LYS C 181 12.14 22.97 -0.42
N VAL C 182 10.91 23.47 -0.37
CA VAL C 182 9.93 23.10 -1.38
C VAL C 182 9.42 24.40 -1.97
N VAL C 183 9.66 24.58 -3.25
CA VAL C 183 9.23 25.79 -3.93
C VAL C 183 8.19 25.50 -5.00
N PRO C 184 6.98 26.08 -4.86
CA PRO C 184 6.00 25.83 -5.91
C PRO C 184 6.51 26.79 -6.98
N THR C 185 7.00 26.23 -8.09
CA THR C 185 7.59 27.06 -9.13
C THR C 185 6.70 28.13 -9.74
N CYS C 186 5.38 27.94 -9.67
CA CYS C 186 4.48 28.95 -10.20
C CYS C 186 4.68 30.27 -9.44
N LEU C 187 4.83 30.16 -8.13
CA LEU C 187 5.02 31.35 -7.30
C LEU C 187 6.35 32.05 -7.56
N ARG C 188 7.41 31.28 -7.74
CA ARG C 188 8.71 31.85 -8.03
C ARG C 188 8.60 32.63 -9.34
N ALA C 189 7.87 32.06 -10.29
CA ALA C 189 7.67 32.69 -11.59
C ALA C 189 6.85 33.97 -11.46
N LEU C 190 5.83 33.95 -10.62
CA LEU C 190 4.98 35.12 -10.44
C LEU C 190 5.74 36.33 -9.88
N VAL C 191 6.65 36.10 -8.93
CA VAL C 191 7.39 37.22 -8.38
C VAL C 191 8.40 37.74 -9.41
N GLU C 192 9.00 36.84 -10.18
CA GLU C 192 9.97 37.27 -11.18
C GLU C 192 9.26 38.10 -12.24
N MET C 193 8.04 37.70 -12.61
CA MET C 193 7.27 38.43 -13.60
C MET C 193 6.99 39.84 -13.05
N ALA C 194 6.73 39.93 -11.75
CA ALA C 194 6.46 41.21 -11.12
C ALA C 194 7.68 42.12 -11.21
N ARG C 195 8.87 41.55 -11.00
CA ARG C 195 10.09 42.34 -11.06
C ARG C 195 10.36 42.82 -12.47
N VAL C 196 10.34 41.89 -13.42
CA VAL C 196 10.60 42.22 -14.82
C VAL C 196 9.57 43.20 -15.39
N GLY C 197 8.37 43.20 -14.80
CA GLY C 197 7.31 44.08 -15.26
C GLY C 197 7.44 45.55 -14.86
N GLY C 198 8.01 45.79 -13.68
CA GLY C 198 8.17 47.17 -13.22
C GLY C 198 9.23 47.92 -14.02
N ALA C 199 9.94 47.20 -14.88
CA ALA C 199 10.99 47.81 -15.68
C ALA C 199 10.49 48.45 -16.97
N SER C 200 9.43 47.89 -17.56
CA SER C 200 8.90 48.42 -18.81
C SER C 200 7.42 48.11 -19.02
N SEP C 201 6.89 48.55 -20.16
CA SEP C 201 5.49 48.32 -20.50
CB SEP C 201 4.83 49.62 -20.97
OG SEP C 201 4.89 49.73 -22.39
C SEP C 201 5.38 47.27 -21.60
O SEP C 201 4.29 46.92 -22.03
P SEP C 201 5.33 51.25 -22.75
O1P SEP C 201 4.44 52.21 -22.05
O2P SEP C 201 6.86 51.50 -22.30
O3P SEP C 201 5.19 51.47 -24.34
N LEU C 202 6.54 46.79 -22.06
CA LEU C 202 6.58 45.78 -23.11
C LEU C 202 6.02 44.47 -22.58
N GLU C 203 6.03 43.44 -23.43
CA GLU C 203 5.52 42.15 -23.02
C GLU C 203 6.61 41.22 -22.53
N ASN C 204 6.31 40.50 -21.45
CA ASN C 204 7.24 39.55 -20.87
C ASN C 204 6.54 38.21 -20.74
N THR C 205 7.33 37.14 -20.68
CA THR C 205 6.78 35.81 -20.58
C THR C 205 6.76 35.27 -19.15
N VAL C 206 5.68 34.60 -18.80
CA VAL C 206 5.56 34.02 -17.48
C VAL C 206 5.03 32.59 -17.63
N ASP C 207 5.77 31.65 -17.05
CA ASP C 207 5.44 30.23 -17.10
C ASP C 207 4.90 29.85 -15.72
N LEU C 208 3.62 29.49 -15.67
CA LEU C 208 2.97 29.11 -14.42
C LEU C 208 3.42 27.76 -13.88
N HIS C 209 4.06 26.96 -14.73
CA HIS C 209 4.53 25.65 -14.30
C HIS C 209 3.42 24.82 -13.66
N ILE C 210 2.30 24.70 -14.35
CA ILE C 210 1.19 23.90 -13.87
C ILE C 210 0.82 22.98 -15.04
N SER C 211 0.13 21.90 -14.75
CA SER C 211 -0.21 20.95 -15.79
C SER C 211 -0.92 21.54 -17.00
N ASN C 212 -0.57 21.00 -18.16
CA ASN C 212 -1.15 21.41 -19.44
C ASN C 212 -1.24 22.92 -19.64
N SER C 213 -0.14 23.60 -19.38
CA SER C 213 -0.08 25.04 -19.54
C SER C 213 1.08 25.40 -20.46
N HIS C 214 1.08 26.65 -20.93
CA HIS C 214 2.15 27.12 -21.80
C HIS C 214 2.53 28.51 -21.33
N PRO C 215 3.78 28.94 -21.58
CA PRO C 215 4.20 30.27 -21.15
C PRO C 215 3.26 31.33 -21.72
N LEU C 216 3.03 32.39 -20.96
CA LEU C 216 2.13 33.45 -21.40
C LEU C 216 2.88 34.78 -21.54
N SEP C 217 2.55 35.52 -22.59
CA SEP C 217 3.17 36.83 -22.82
CB SEP C 217 3.48 37.03 -24.30
OG SEP C 217 4.42 36.08 -24.77
C SEP C 217 2.20 37.88 -22.32
O SEP C 217 1.05 37.93 -22.76
P SEP C 217 5.25 36.77 -25.97
O1P SEP C 217 6.12 35.76 -26.61
O2P SEP C 217 4.22 37.36 -27.06
O3P SEP C 217 6.16 37.97 -25.39
N LEU C 218 2.66 38.74 -21.42
CA LEU C 218 1.79 39.77 -20.88
C LEU C 218 2.55 41.08 -20.61
N THR C 219 1.84 42.18 -20.76
CA THR C 219 2.42 43.50 -20.49
C THR C 219 2.21 43.67 -18.97
N SER C 220 2.92 44.61 -18.38
CA SER C 220 2.79 44.84 -16.94
C SER C 220 1.35 45.17 -16.55
N ASP C 221 0.66 45.96 -17.37
CA ASP C 221 -0.71 46.34 -17.05
C ASP C 221 -1.65 45.12 -17.09
N GLN C 222 -1.45 44.25 -18.07
CA GLN C 222 -2.29 43.06 -18.18
C GLN C 222 -2.06 42.14 -17.00
N TYR C 223 -0.80 41.98 -16.62
CA TYR C 223 -0.42 41.12 -15.50
C TYR C 223 -1.04 41.64 -14.21
N LYS C 224 -0.91 42.94 -13.97
CA LYS C 224 -1.47 43.56 -12.77
C LYS C 224 -2.99 43.40 -12.74
N ALA C 225 -3.62 43.56 -13.89
CA ALA C 225 -5.07 43.42 -14.01
C ALA C 225 -5.46 41.99 -13.65
N TYR C 226 -4.71 41.02 -14.15
CA TYR C 226 -4.98 39.62 -13.87
C TYR C 226 -4.77 39.28 -12.40
N LEU C 227 -3.76 39.89 -11.77
CA LEU C 227 -3.51 39.64 -10.36
C LEU C 227 -4.69 40.16 -9.54
N GLN C 228 -5.17 41.35 -9.90
CA GLN C 228 -6.31 41.98 -9.24
C GLN C 228 -7.52 41.05 -9.28
N ASP C 229 -7.78 40.52 -10.47
CA ASP C 229 -8.91 39.62 -10.64
C ASP C 229 -8.69 38.30 -9.92
N LEU C 230 -7.46 37.81 -9.92
CA LEU C 230 -7.13 36.54 -9.27
C LEU C 230 -7.56 36.58 -7.79
N VAL C 231 -7.43 37.75 -7.18
CA VAL C 231 -7.81 37.90 -5.78
C VAL C 231 -9.28 37.54 -5.56
N GLU C 232 -10.11 37.86 -6.55
CA GLU C 232 -11.54 37.55 -6.43
C GLU C 232 -11.81 36.05 -6.44
N GLY C 233 -10.84 35.26 -6.88
CA GLY C 233 -11.03 33.82 -6.92
C GLY C 233 -10.60 33.10 -5.66
N MET C 234 -10.31 33.86 -4.61
CA MET C 234 -9.87 33.26 -3.35
C MET C 234 -10.60 33.85 -2.14
N ASP C 235 -10.57 33.09 -1.04
CA ASP C 235 -11.22 33.51 0.20
C ASP C 235 -10.31 34.31 1.12
N PHE C 236 -10.89 35.33 1.73
CA PHE C 236 -10.18 36.16 2.70
C PHE C 236 -11.12 36.41 3.87
N GLN C 237 -10.75 35.92 5.05
CA GLN C 237 -11.58 36.10 6.23
C GLN C 237 -11.59 37.55 6.64
N GLY C 238 -12.78 38.09 6.86
CA GLY C 238 -12.90 39.48 7.26
C GLY C 238 -12.80 39.66 8.77
N PRO C 239 -12.72 40.91 9.25
CA PRO C 239 -12.62 41.21 10.68
C PRO C 239 -13.65 40.44 11.52
N GLY C 240 -14.92 40.56 11.15
CA GLY C 240 -15.96 39.86 11.88
C GLY C 240 -15.75 38.37 11.70
N GLU C 241 -15.47 38.00 10.44
CA GLU C 241 -15.20 36.62 10.01
C GLU C 241 -15.67 36.41 8.58
N ASN D 5 16.82 -3.94 11.22
CA ASN D 5 16.53 -4.02 12.68
C ASN D 5 15.37 -4.98 12.93
N PRO D 6 15.68 -6.19 13.43
CA PRO D 6 14.68 -7.22 13.71
C PRO D 6 13.63 -6.82 14.76
N LEU D 7 14.00 -5.92 15.66
CA LEU D 7 13.07 -5.49 16.70
C LEU D 7 11.96 -4.63 16.12
N LYS D 8 12.18 -4.13 14.90
CA LYS D 8 11.19 -3.29 14.24
C LYS D 8 9.94 -4.07 13.87
N ARG D 9 10.06 -5.40 13.77
CA ARG D 9 8.90 -6.22 13.42
C ARG D 9 7.85 -6.16 14.53
N LEU D 10 8.26 -5.72 15.71
CA LEU D 10 7.33 -5.60 16.83
C LEU D 10 6.23 -4.58 16.52
N LEU D 11 6.57 -3.61 15.68
CA LEU D 11 5.65 -2.52 15.36
C LEU D 11 4.76 -2.64 14.12
N VAL D 12 5.24 -3.34 13.10
CA VAL D 12 4.45 -3.49 11.89
C VAL D 12 3.04 -4.02 12.18
N PRO D 13 2.03 -3.45 11.51
CA PRO D 13 0.62 -3.81 11.67
C PRO D 13 0.26 -5.30 11.61
N GLY D 14 0.83 -6.03 10.65
CA GLY D 14 0.52 -7.44 10.52
C GLY D 14 1.04 -8.38 11.60
N GLU D 15 1.96 -7.91 12.43
CA GLU D 15 2.52 -8.76 13.49
C GLU D 15 1.61 -8.87 14.69
N GLU D 16 1.28 -10.10 15.08
CA GLU D 16 0.43 -10.33 16.23
C GLU D 16 1.25 -10.60 17.49
N TRP D 17 0.99 -9.81 18.53
CA TRP D 17 1.69 -9.99 19.80
C TRP D 17 1.00 -11.08 20.59
N GLU D 18 1.78 -11.89 21.29
CA GLU D 18 1.23 -12.94 22.13
C GLU D 18 0.99 -12.30 23.51
N PHE D 19 -0.20 -12.51 24.09
CA PHE D 19 -0.50 -11.96 25.41
C PHE D 19 -0.80 -13.09 26.39
N GLU D 20 -0.12 -13.08 27.54
CA GLU D 20 -0.34 -14.10 28.55
C GLU D 20 -1.34 -13.54 29.56
N VAL D 21 -2.52 -14.17 29.65
CA VAL D 21 -3.57 -13.72 30.55
C VAL D 21 -3.66 -14.63 31.77
N THR D 22 -3.52 -14.05 32.96
CA THR D 22 -3.59 -14.83 34.20
C THR D 22 -4.60 -14.17 35.13
N ALA D 23 -5.60 -14.93 35.56
CA ALA D 23 -6.62 -14.40 36.44
C ALA D 23 -6.50 -14.93 37.86
N PHE D 24 -6.82 -14.07 38.81
CA PHE D 24 -6.75 -14.41 40.23
C PHE D 24 -8.03 -14.00 40.95
N TYR D 25 -8.55 -14.90 41.77
CA TYR D 25 -9.72 -14.62 42.59
C TYR D 25 -9.17 -14.56 44.01
N ARG D 26 -9.19 -13.37 44.60
CA ARG D 26 -8.66 -13.13 45.94
C ARG D 26 -7.20 -13.60 46.06
N GLY D 27 -6.39 -13.22 45.06
CA GLY D 27 -4.98 -13.59 45.08
C GLY D 27 -4.63 -14.99 44.64
N ARG D 28 -5.63 -15.83 44.42
CA ARG D 28 -5.38 -17.20 43.99
C ARG D 28 -5.52 -17.35 42.48
N GLN D 29 -4.46 -17.85 41.82
CA GLN D 29 -4.50 -18.04 40.38
C GLN D 29 -5.54 -19.10 40.04
N VAL D 30 -6.48 -18.73 39.16
CA VAL D 30 -7.55 -19.65 38.77
C VAL D 30 -7.61 -19.88 37.27
N PHE D 31 -6.78 -19.19 36.51
CA PHE D 31 -6.82 -19.32 35.06
C PHE D 31 -5.60 -18.70 34.40
N GLN D 32 -5.19 -19.28 33.28
CA GLN D 32 -4.07 -18.76 32.51
C GLN D 32 -4.17 -19.25 31.08
N GLN D 33 -3.96 -18.35 30.14
CA GLN D 33 -4.02 -18.69 28.73
C GLN D 33 -3.23 -17.65 27.96
N THR D 34 -2.54 -18.12 26.93
CA THR D 34 -1.76 -17.21 26.10
C THR D 34 -2.54 -17.06 24.81
N ILE D 35 -2.74 -15.80 24.40
CA ILE D 35 -3.54 -15.48 23.23
C ILE D 35 -2.87 -14.58 22.20
N SER D 36 -3.12 -14.86 20.93
CA SER D 36 -2.63 -14.06 19.83
C SER D 36 -3.84 -13.81 18.95
N CYS D 37 -4.10 -12.55 18.62
CA CYS D 37 -5.24 -12.21 17.78
C CYS D 37 -5.04 -10.80 17.24
N PRO D 38 -5.32 -10.59 15.94
CA PRO D 38 -5.16 -9.25 15.35
C PRO D 38 -5.97 -8.20 16.09
N GLU D 39 -7.19 -8.56 16.47
CA GLU D 39 -8.09 -7.64 17.15
C GLU D 39 -7.93 -7.65 18.68
N GLY D 40 -6.83 -8.19 19.17
CA GLY D 40 -6.63 -8.23 20.60
C GLY D 40 -7.51 -9.24 21.31
N LEU D 41 -7.84 -8.96 22.57
CA LEU D 41 -8.66 -9.88 23.34
C LEU D 41 -9.77 -9.18 24.12
N ARG D 42 -10.65 -9.99 24.67
CA ARG D 42 -11.75 -9.49 25.50
C ARG D 42 -11.90 -10.42 26.70
N LEU D 43 -11.79 -9.86 27.89
CA LEU D 43 -11.95 -10.62 29.13
C LEU D 43 -13.46 -10.68 29.34
N VAL D 44 -14.04 -11.88 29.29
CA VAL D 44 -15.47 -12.02 29.44
C VAL D 44 -15.87 -13.01 30.53
N GLY D 45 -17.15 -13.02 30.87
CA GLY D 45 -17.64 -13.92 31.89
C GLY D 45 -18.71 -14.87 31.38
N LEU D 53 -18.71 -9.45 18.43
CA LEU D 53 -17.71 -8.44 18.74
C LEU D 53 -16.30 -8.92 18.38
N PRO D 54 -15.45 -8.01 17.92
CA PRO D 54 -14.08 -8.38 17.55
C PRO D 54 -13.24 -8.64 18.81
N GLY D 55 -12.11 -9.31 18.64
CA GLY D 55 -11.26 -9.62 19.78
C GLY D 55 -11.51 -11.02 20.28
N TRP D 56 -10.45 -11.72 20.65
CA TRP D 56 -10.55 -13.09 21.14
C TRP D 56 -11.13 -13.13 22.54
N PRO D 57 -12.26 -13.81 22.73
CA PRO D 57 -12.85 -13.89 24.06
C PRO D 57 -12.09 -14.81 24.99
N VAL D 58 -11.72 -14.28 26.15
CA VAL D 58 -11.01 -15.04 27.16
C VAL D 58 -11.99 -15.16 28.31
N THR D 59 -12.51 -16.37 28.52
CA THR D 59 -13.52 -16.61 29.54
C THR D 59 -12.98 -16.88 30.94
N LEU D 60 -13.30 -15.99 31.87
CA LEU D 60 -12.89 -16.13 33.26
C LEU D 60 -13.76 -17.27 33.79
N PRO D 61 -13.18 -18.18 34.58
CA PRO D 61 -13.92 -19.32 35.14
C PRO D 61 -14.87 -19.03 36.29
N ASP D 62 -15.90 -19.85 36.43
CA ASP D 62 -16.84 -19.68 37.53
C ASP D 62 -16.01 -20.00 38.78
N PRO D 63 -16.14 -19.19 39.84
CA PRO D 63 -15.38 -19.45 41.07
C PRO D 63 -15.75 -20.77 41.72
N GLY D 64 -16.77 -21.43 41.18
CA GLY D 64 -17.22 -22.70 41.71
C GLY D 64 -16.16 -23.77 41.86
N MET D 65 -15.20 -23.83 40.94
CA MET D 65 -14.16 -24.85 41.04
C MET D 65 -12.80 -24.29 41.43
N SER D 66 -12.78 -23.47 42.48
CA SER D 66 -11.53 -22.89 42.95
C SER D 66 -11.64 -22.30 44.36
N LEU D 67 -12.84 -21.84 44.72
CA LEU D 67 -13.03 -21.23 46.03
C LEU D 67 -14.06 -21.92 46.91
N THR D 68 -14.06 -21.55 48.19
CA THR D 68 -14.99 -22.09 49.17
C THR D 68 -15.58 -20.95 50.00
N ASP D 69 -14.98 -19.77 49.86
CA ASP D 69 -15.44 -18.59 50.59
C ASP D 69 -16.70 -18.05 49.90
N ARG D 70 -17.85 -18.33 50.51
CA ARG D 70 -19.13 -17.89 49.97
C ARG D 70 -19.17 -16.42 49.58
N GLY D 71 -18.72 -15.56 50.49
CA GLY D 71 -18.73 -14.13 50.22
C GLY D 71 -17.97 -13.78 48.96
N VAL D 72 -16.75 -14.28 48.84
CA VAL D 72 -15.93 -14.00 47.67
C VAL D 72 -16.55 -14.61 46.41
N MET D 73 -17.09 -15.82 46.54
CA MET D 73 -17.72 -16.47 45.40
C MET D 73 -18.87 -15.63 44.87
N SER D 74 -19.67 -15.09 45.79
CA SER D 74 -20.80 -14.27 45.41
C SER D 74 -20.34 -13.03 44.64
N TYR D 75 -19.33 -12.34 45.17
CA TYR D 75 -18.81 -11.15 44.53
C TYR D 75 -18.25 -11.46 43.14
N VAL D 76 -17.46 -12.53 43.03
CA VAL D 76 -16.90 -12.91 41.75
C VAL D 76 -17.99 -13.23 40.73
N ARG D 77 -19.05 -13.88 41.17
CA ARG D 77 -20.13 -14.19 40.25
C ARG D 77 -20.85 -12.92 39.77
N HIS D 78 -20.92 -11.91 40.64
CA HIS D 78 -21.55 -10.66 40.24
C HIS D 78 -20.67 -9.97 39.22
N VAL D 79 -19.35 -10.10 39.38
CA VAL D 79 -18.40 -9.50 38.45
C VAL D 79 -18.51 -10.21 37.09
N LEU D 80 -18.62 -11.53 37.12
CA LEU D 80 -18.75 -12.28 35.88
C LEU D 80 -20.04 -11.85 35.18
N SER D 81 -21.03 -11.46 35.97
CA SER D 81 -22.31 -11.02 35.44
C SER D 81 -22.27 -9.65 34.75
N CYS D 82 -21.47 -8.71 35.25
CA CYS D 82 -21.41 -7.40 34.61
C CYS D 82 -20.43 -7.31 33.44
N LEU D 83 -19.57 -8.31 33.29
CA LEU D 83 -18.57 -8.30 32.23
C LEU D 83 -19.13 -7.97 30.84
N GLY D 84 -20.25 -8.61 30.48
CA GLY D 84 -20.86 -8.37 29.19
C GLY D 84 -19.89 -8.52 28.02
N GLY D 85 -19.84 -7.50 27.17
CA GLY D 85 -18.93 -7.54 26.02
C GLY D 85 -17.50 -7.76 26.47
N GLY D 86 -17.22 -7.38 27.71
CA GLY D 86 -15.89 -7.59 28.28
C GLY D 86 -14.89 -6.45 28.30
N LEU D 87 -13.73 -6.73 28.88
CA LEU D 87 -12.64 -5.77 28.94
C LEU D 87 -11.84 -6.03 27.67
N ALA D 88 -11.86 -5.08 26.74
CA ALA D 88 -11.14 -5.22 25.49
C ALA D 88 -9.74 -4.61 25.61
N LEU D 89 -8.75 -5.35 25.11
CA LEU D 89 -7.36 -4.91 25.13
C LEU D 89 -6.76 -5.26 23.77
N TRP D 90 -6.16 -4.28 23.11
CA TRP D 90 -5.55 -4.53 21.80
C TRP D 90 -4.40 -3.58 21.50
N ARG D 91 -3.63 -3.90 20.47
CA ARG D 91 -2.50 -3.07 20.07
C ARG D 91 -2.76 -2.35 18.76
N ALA D 92 -2.29 -1.11 18.69
CA ALA D 92 -2.41 -0.30 17.50
C ALA D 92 -1.10 0.46 17.49
N GLY D 93 -0.20 0.08 16.58
CA GLY D 93 1.10 0.74 16.54
C GLY D 93 1.89 0.43 17.80
N GLN D 94 2.49 1.45 18.39
CA GLN D 94 3.29 1.30 19.60
C GLN D 94 2.45 1.33 20.87
N TRP D 95 1.14 1.50 20.72
CA TRP D 95 0.25 1.58 21.88
C TRP D 95 -0.66 0.40 22.14
N LEU D 96 -0.90 0.16 23.43
CA LEU D 96 -1.82 -0.88 23.87
C LEU D 96 -3.02 -0.07 24.37
N TRP D 97 -4.20 -0.42 23.88
CA TRP D 97 -5.44 0.27 24.23
C TRP D 97 -6.39 -0.67 24.96
N ALA D 98 -7.20 -0.09 25.84
CA ALA D 98 -8.19 -0.86 26.59
C ALA D 98 -9.52 -0.12 26.59
N GLN D 99 -10.61 -0.87 26.55
CA GLN D 99 -11.94 -0.26 26.58
C GLN D 99 -12.90 -1.22 27.27
N ARG D 100 -13.66 -0.69 28.22
CA ARG D 100 -14.61 -1.50 28.97
C ARG D 100 -15.93 -1.49 28.22
N LEU D 101 -16.22 -2.61 27.57
CA LEU D 101 -17.42 -2.76 26.76
C LEU D 101 -18.66 -3.17 27.54
N GLY D 102 -18.44 -3.78 28.71
CA GLY D 102 -19.55 -4.23 29.53
C GLY D 102 -20.01 -3.25 30.60
N HIS D 103 -20.45 -3.78 31.73
CA HIS D 103 -20.97 -2.93 32.80
C HIS D 103 -20.12 -2.84 34.05
N CYS D 104 -19.07 -3.64 34.14
CA CYS D 104 -18.19 -3.63 35.31
C CYS D 104 -17.23 -2.44 35.33
N HIS D 105 -17.15 -1.75 36.47
CA HIS D 105 -16.19 -0.66 36.57
C HIS D 105 -14.84 -1.39 36.64
N THR D 106 -13.98 -1.12 35.68
CA THR D 106 -12.68 -1.79 35.59
C THR D 106 -11.52 -0.83 35.68
N TYR D 107 -10.61 -1.11 36.61
CA TYR D 107 -9.45 -0.26 36.80
C TYR D 107 -8.17 -0.96 36.37
N TRP D 108 -7.16 -0.19 36.02
CA TRP D 108 -5.91 -0.76 35.55
C TRP D 108 -4.67 -0.12 36.18
N ALA D 109 -3.56 -0.81 36.01
CA ALA D 109 -2.27 -0.34 36.51
C ALA D 109 -1.16 -1.15 35.87
N VAL D 110 -0.06 -0.48 35.55
CA VAL D 110 1.11 -1.17 35.00
C VAL D 110 1.96 -1.41 36.25
N SER D 111 2.43 -2.63 36.43
CA SER D 111 3.22 -2.92 37.63
C SER D 111 4.14 -4.12 37.42
N GLU D 112 4.61 -4.67 38.52
CA GLU D 112 5.49 -5.83 38.48
C GLU D 112 4.62 -7.04 38.17
N GLU D 113 5.24 -8.20 37.96
CA GLU D 113 4.51 -9.42 37.67
C GLU D 113 3.70 -9.89 38.87
N LEU D 114 4.03 -9.38 40.05
CA LEU D 114 3.33 -9.75 41.28
C LEU D 114 2.02 -8.98 41.43
N LEU D 115 1.04 -9.63 42.06
CA LEU D 115 -0.27 -9.00 42.31
C LEU D 115 0.02 -7.77 43.14
N PRO D 116 -0.28 -6.57 42.61
CA PRO D 116 -0.03 -5.32 43.34
C PRO D 116 -0.86 -5.12 44.61
N ASN D 117 -0.24 -4.48 45.61
CA ASN D 117 -0.92 -4.18 46.87
C ASN D 117 -1.90 -3.04 46.58
N SER D 118 -2.81 -2.78 47.51
CA SER D 118 -3.77 -1.70 47.32
C SER D 118 -3.01 -0.40 47.06
N GLY D 119 -1.85 -0.26 47.69
CA GLY D 119 -1.05 0.94 47.51
C GLY D 119 -1.86 2.20 47.64
N HIS D 120 -1.71 3.11 46.68
CA HIS D 120 -2.45 4.36 46.68
C HIS D 120 -3.49 4.36 45.56
N GLY D 121 -3.89 3.16 45.13
CA GLY D 121 -4.89 3.05 44.07
C GLY D 121 -4.31 2.64 42.72
N PRO D 122 -5.16 2.48 41.70
CA PRO D 122 -4.76 2.09 40.35
C PRO D 122 -4.29 3.28 39.51
N ASP D 123 -3.78 3.00 38.32
CA ASP D 123 -3.33 4.06 37.43
C ASP D 123 -4.52 4.80 36.84
N GLY D 124 -5.68 4.16 36.87
CA GLY D 124 -6.87 4.80 36.33
C GLY D 124 -8.00 3.80 36.10
N GLU D 125 -9.13 4.29 35.62
CA GLU D 125 -10.27 3.42 35.32
C GLU D 125 -10.36 3.31 33.81
N VAL D 126 -10.63 2.11 33.31
CA VAL D 126 -10.74 1.92 31.87
C VAL D 126 -12.03 2.57 31.38
N PRO D 127 -11.94 3.42 30.36
CA PRO D 127 -13.10 4.11 29.80
C PRO D 127 -14.00 3.19 28.98
N LYS D 128 -15.29 3.52 28.96
CA LYS D 128 -16.24 2.73 28.17
C LYS D 128 -16.66 3.49 26.92
N ASP D 129 -16.80 4.81 27.05
CA ASP D 129 -17.24 5.64 25.93
C ASP D 129 -16.19 5.82 24.83
N LYS D 130 -14.96 5.42 25.12
CA LYS D 130 -13.87 5.57 24.15
C LYS D 130 -12.70 4.68 24.55
N GLU D 131 -11.76 4.48 23.63
CA GLU D 131 -10.58 3.67 23.91
C GLU D 131 -9.69 4.46 24.87
N GLY D 132 -8.95 3.73 25.71
CA GLY D 132 -8.06 4.38 26.66
C GLY D 132 -6.67 3.81 26.55
N GLY D 133 -5.67 4.66 26.42
CA GLY D 133 -4.30 4.18 26.31
C GLY D 133 -3.80 3.63 27.63
N VAL D 134 -3.25 2.42 27.63
CA VAL D 134 -2.76 1.83 28.86
C VAL D 134 -1.28 1.48 28.82
N PHE D 135 -0.68 1.50 27.63
CA PHE D 135 0.73 1.19 27.54
C PHE D 135 1.35 1.77 26.27
N ASP D 136 2.52 2.38 26.41
CA ASP D 136 3.23 2.98 25.27
C ASP D 136 4.61 2.35 25.18
N LEU D 137 4.86 1.64 24.09
CA LEU D 137 6.14 0.97 23.86
C LEU D 137 7.29 1.97 23.83
N GLY D 138 6.99 3.22 23.44
CA GLY D 138 8.02 4.23 23.36
C GLY D 138 8.86 4.40 24.61
N PRO D 139 8.26 4.92 25.69
CA PRO D 139 8.97 5.13 26.96
C PRO D 139 9.56 3.83 27.50
N PHE D 140 8.86 2.72 27.24
CA PHE D 140 9.33 1.41 27.69
C PHE D 140 10.71 1.11 27.12
N ILE D 141 10.87 1.30 25.82
CA ILE D 141 12.14 1.03 25.16
C ILE D 141 13.26 1.96 25.62
N VAL D 142 12.98 3.26 25.78
CA VAL D 142 14.04 4.15 26.23
C VAL D 142 14.44 3.78 27.67
N ASP D 143 13.45 3.38 28.46
CA ASP D 143 13.71 2.97 29.85
C ASP D 143 14.53 1.70 29.87
N LEU D 144 14.25 0.82 28.91
CA LEU D 144 14.97 -0.45 28.79
C LEU D 144 16.42 -0.16 28.46
N ILE D 145 16.64 0.83 27.59
CA ILE D 145 17.98 1.24 27.19
C ILE D 145 18.73 1.76 28.43
N THR D 146 18.11 2.67 29.17
CA THR D 146 18.74 3.23 30.35
C THR D 146 19.04 2.11 31.36
N PHE D 147 18.19 1.11 31.39
CA PHE D 147 18.36 -0.03 32.28
C PHE D 147 19.61 -0.83 31.90
N THR D 148 19.81 -1.03 30.59
CA THR D 148 20.97 -1.77 30.12
C THR D 148 22.25 -0.99 30.40
N GLU D 149 22.11 0.32 30.59
CA GLU D 149 23.25 1.16 30.87
C GLU D 149 23.46 1.28 32.38
N GLY D 150 22.68 0.51 33.13
CA GLY D 150 22.77 0.51 34.57
C GLY D 150 22.29 1.78 35.26
N SER D 151 21.84 2.76 34.48
CA SER D 151 21.37 4.02 35.05
C SER D 151 19.87 4.03 35.35
N GLY D 152 19.29 2.86 35.60
CA GLY D 152 17.87 2.80 35.89
C GLY D 152 17.35 1.39 36.09
N ARG D 153 16.21 1.27 36.76
CA ARG D 153 15.61 -0.04 37.01
C ARG D 153 14.88 -0.52 35.75
N SER D 154 14.63 -1.82 35.70
CA SER D 154 13.95 -2.41 34.55
C SER D 154 12.53 -1.87 34.44
N PRO D 155 12.11 -1.53 33.21
CA PRO D 155 10.74 -1.01 33.02
C PRO D 155 9.65 -2.05 33.24
N ARG D 156 8.50 -1.58 33.70
CA ARG D 156 7.36 -2.44 33.94
C ARG D 156 6.61 -2.73 32.64
N TYR D 157 6.05 -3.92 32.53
CA TYR D 157 5.32 -4.30 31.34
C TYR D 157 4.05 -5.11 31.65
N ALA D 158 3.82 -5.41 32.92
CA ALA D 158 2.65 -6.18 33.31
C ALA D 158 1.43 -5.30 33.55
N LEU D 159 0.38 -5.52 32.75
CA LEU D 159 -0.86 -4.78 32.90
C LEU D 159 -1.77 -5.53 33.85
N TRP D 160 -2.29 -4.83 34.86
CA TRP D 160 -3.19 -5.46 35.80
C TRP D 160 -4.56 -4.81 35.70
N PHE D 161 -5.60 -5.63 35.59
CA PHE D 161 -6.96 -5.12 35.52
C PHE D 161 -7.76 -5.63 36.69
N CYS D 162 -8.27 -4.69 37.47
CA CYS D 162 -9.11 -5.02 38.63
C CYS D 162 -10.54 -4.82 38.16
N VAL D 163 -11.32 -5.90 38.18
CA VAL D 163 -12.70 -5.82 37.73
C VAL D 163 -13.65 -5.80 38.91
N GLY D 164 -14.43 -4.72 39.01
CA GLY D 164 -15.38 -4.59 40.08
C GLY D 164 -16.80 -4.78 39.56
N GLU D 165 -17.79 -4.49 40.40
CA GLU D 165 -19.18 -4.63 40.00
C GLU D 165 -19.67 -3.40 39.24
N SER D 166 -20.92 -3.45 38.76
CA SER D 166 -21.48 -2.34 38.02
C SER D 166 -21.82 -1.22 39.00
N TRP D 167 -22.09 -1.60 40.25
CA TRP D 167 -22.43 -0.65 41.30
C TRP D 167 -21.36 0.42 41.42
N PRO D 168 -21.73 1.70 41.25
CA PRO D 168 -20.77 2.80 41.34
C PRO D 168 -20.13 3.00 42.71
N GLN D 169 -20.73 2.45 43.76
CA GLN D 169 -20.20 2.61 45.11
C GLN D 169 -19.19 1.53 45.49
N ASP D 170 -19.01 0.57 44.59
CA ASP D 170 -18.06 -0.52 44.82
C ASP D 170 -16.65 0.09 44.72
N GLN D 171 -15.76 -0.31 45.62
CA GLN D 171 -14.39 0.18 45.61
C GLN D 171 -13.53 -1.08 45.53
N PRO D 172 -13.59 -1.77 44.38
CA PRO D 172 -12.86 -3.00 44.11
C PRO D 172 -11.35 -3.04 44.33
N TRP D 173 -10.66 -1.93 44.10
CA TRP D 173 -9.22 -1.92 44.27
C TRP D 173 -8.74 -2.11 45.70
N THR D 174 -9.63 -1.96 46.67
CA THR D 174 -9.24 -2.13 48.06
C THR D 174 -8.91 -3.59 48.35
N LYS D 175 -9.81 -4.48 47.95
CA LYS D 175 -9.60 -5.91 48.19
C LYS D 175 -9.08 -6.65 46.96
N ARG D 176 -9.23 -6.04 45.79
CA ARG D 176 -8.77 -6.65 44.53
C ARG D 176 -9.17 -8.12 44.42
N LEU D 177 -10.46 -8.40 44.57
CA LEU D 177 -10.98 -9.77 44.50
C LEU D 177 -10.84 -10.40 43.12
N VAL D 178 -11.03 -9.60 42.08
CA VAL D 178 -10.91 -10.10 40.71
C VAL D 178 -9.81 -9.32 40.03
N MET D 179 -8.67 -9.99 39.82
CA MET D 179 -7.51 -9.38 39.19
C MET D 179 -7.08 -10.20 37.98
N VAL D 180 -6.82 -9.52 36.87
CA VAL D 180 -6.35 -10.21 35.67
C VAL D 180 -5.08 -9.53 35.19
N LYS D 181 -4.00 -10.29 35.13
CA LYS D 181 -2.74 -9.76 34.65
C LYS D 181 -2.60 -10.08 33.17
N VAL D 182 -2.16 -9.11 32.40
CA VAL D 182 -1.95 -9.32 30.98
C VAL D 182 -0.52 -8.93 30.67
N VAL D 183 0.27 -9.92 30.25
CA VAL D 183 1.66 -9.68 29.94
C VAL D 183 1.96 -9.90 28.47
N PRO D 184 2.43 -8.85 27.77
CA PRO D 184 2.77 -8.98 26.35
C PRO D 184 4.08 -9.75 26.49
N THR D 185 4.10 -11.01 26.10
CA THR D 185 5.31 -11.79 26.31
C THR D 185 6.58 -11.28 25.63
N CYS D 186 6.43 -10.48 24.58
CA CYS D 186 7.61 -9.91 23.91
C CYS D 186 8.35 -8.98 24.89
N LEU D 187 7.59 -8.23 25.68
CA LEU D 187 8.19 -7.31 26.63
C LEU D 187 8.90 -8.05 27.77
N ARG D 188 8.31 -9.13 28.24
CA ARG D 188 8.94 -9.91 29.29
C ARG D 188 10.28 -10.41 28.75
N ALA D 189 10.28 -10.86 27.49
CA ALA D 189 11.49 -11.36 26.85
C ALA D 189 12.53 -10.26 26.70
N LEU D 190 12.07 -9.05 26.36
CA LEU D 190 12.96 -7.91 26.19
C LEU D 190 13.72 -7.55 27.47
N VAL D 191 13.03 -7.52 28.62
CA VAL D 191 13.72 -7.18 29.86
C VAL D 191 14.63 -8.32 30.27
N GLU D 192 14.21 -9.55 29.99
CA GLU D 192 15.00 -10.72 30.33
C GLU D 192 16.32 -10.66 29.57
N MET D 193 16.25 -10.30 28.29
CA MET D 193 17.44 -10.18 27.45
C MET D 193 18.32 -9.06 27.99
N ALA D 194 17.68 -8.01 28.51
CA ALA D 194 18.41 -6.88 29.07
C ALA D 194 19.17 -7.31 30.31
N ARG D 195 18.53 -8.12 31.15
CA ARG D 195 19.15 -8.61 32.37
C ARG D 195 20.33 -9.51 31.99
N VAL D 196 20.05 -10.44 31.08
CA VAL D 196 21.06 -11.37 30.58
C VAL D 196 22.02 -10.61 29.67
N GLY D 197 21.87 -9.29 29.65
CA GLY D 197 22.76 -8.47 28.84
C GLY D 197 24.10 -8.43 29.55
N GLY D 198 24.05 -8.25 30.87
CA GLY D 198 25.23 -8.20 31.72
C GLY D 198 26.56 -8.21 30.97
N ALA D 199 26.83 -7.07 30.32
CA ALA D 199 28.02 -6.76 29.51
C ALA D 199 27.80 -7.12 28.03
N SER D 200 28.57 -8.06 27.49
CA SER D 200 28.48 -8.53 26.11
C SER D 200 29.71 -9.42 25.86
N SEP D 201 29.53 -10.59 25.26
CA SEP D 201 30.67 -11.47 25.00
CB SEP D 201 31.49 -11.71 26.31
OG SEP D 201 32.40 -12.79 26.18
C SEP D 201 30.19 -12.79 24.41
O SEP D 201 30.90 -13.45 23.66
P SEP D 201 33.03 -13.08 27.66
O1P SEP D 201 33.95 -11.97 28.07
O2P SEP D 201 31.86 -13.22 28.77
O3P SEP D 201 33.89 -14.46 27.63
N LEU D 202 28.97 -13.16 24.76
CA LEU D 202 28.39 -14.39 24.25
C LEU D 202 27.09 -14.09 23.51
N GLU D 203 26.64 -15.03 22.67
CA GLU D 203 25.41 -14.84 21.93
C GLU D 203 24.26 -15.23 22.85
N ASN D 204 23.24 -14.39 22.92
CA ASN D 204 22.08 -14.68 23.73
C ASN D 204 20.87 -14.71 22.82
N THR D 205 19.95 -15.62 23.11
CA THR D 205 18.76 -15.76 22.30
C THR D 205 17.56 -15.06 22.92
N VAL D 206 16.79 -14.37 22.07
CA VAL D 206 15.61 -13.66 22.53
C VAL D 206 14.44 -13.99 21.60
N ASP D 207 13.33 -14.37 22.20
CA ASP D 207 12.12 -14.72 21.47
C ASP D 207 11.13 -13.56 21.59
N LEU D 208 10.83 -12.90 20.49
CA LEU D 208 9.91 -11.76 20.50
C LEU D 208 8.47 -12.18 20.66
N HIS D 209 8.22 -13.49 20.68
CA HIS D 209 6.88 -14.03 20.81
C HIS D 209 5.84 -13.28 19.99
N ILE D 210 6.15 -13.07 18.72
CA ILE D 210 5.22 -12.40 17.81
C ILE D 210 4.99 -13.37 16.66
N SER D 211 3.92 -13.17 15.92
CA SER D 211 3.60 -14.08 14.82
C SER D 211 4.68 -14.22 13.75
N ASN D 212 4.79 -15.44 13.23
CA ASN D 212 5.75 -15.75 12.17
C ASN D 212 7.16 -15.25 12.45
N SER D 213 7.64 -15.49 13.65
CA SER D 213 8.99 -15.09 14.04
C SER D 213 9.67 -16.27 14.69
N HIS D 214 10.99 -16.19 14.80
CA HIS D 214 11.78 -17.24 15.42
C HIS D 214 12.77 -16.59 16.37
N PRO D 215 13.18 -17.33 17.41
CA PRO D 215 14.14 -16.80 18.37
C PRO D 215 15.36 -16.26 17.62
N LEU D 216 15.89 -15.13 18.06
CA LEU D 216 17.06 -14.55 17.43
C LEU D 216 18.24 -14.44 18.39
N SEP D 217 19.42 -14.79 17.91
CA SEP D 217 20.63 -14.72 18.72
CB SEP D 217 21.54 -15.91 18.39
OG SEP D 217 21.00 -17.11 18.90
C SEP D 217 21.36 -13.42 18.46
O SEP D 217 21.65 -13.06 17.32
P SEP D 217 21.58 -18.36 18.06
O1P SEP D 217 20.49 -18.94 17.23
O2P SEP D 217 22.79 -17.89 17.09
O3P SEP D 217 22.11 -19.49 19.08
N LEU D 218 21.66 -12.68 19.54
CA LEU D 218 22.33 -11.40 19.44
C LEU D 218 23.28 -11.20 20.62
N THR D 219 24.25 -10.31 20.45
CA THR D 219 25.17 -9.99 21.53
C THR D 219 24.52 -8.80 22.20
N SER D 220 24.92 -8.48 23.42
CA SER D 220 24.34 -7.35 24.12
C SER D 220 24.55 -6.06 23.33
N ASP D 221 25.72 -5.95 22.69
CA ASP D 221 26.01 -4.77 21.91
C ASP D 221 25.02 -4.63 20.76
N GLN D 222 24.75 -5.73 20.06
CA GLN D 222 23.81 -5.70 18.94
C GLN D 222 22.42 -5.34 19.46
N TYR D 223 22.04 -5.94 20.58
CA TYR D 223 20.74 -5.72 21.19
C TYR D 223 20.54 -4.25 21.51
N LYS D 224 21.48 -3.66 22.25
CA LYS D 224 21.40 -2.25 22.61
C LYS D 224 21.32 -1.37 21.37
N ALA D 225 22.09 -1.71 20.34
CA ALA D 225 22.07 -0.94 19.10
C ALA D 225 20.68 -1.01 18.46
N TYR D 226 20.06 -2.18 18.50
CA TYR D 226 18.73 -2.37 17.91
C TYR D 226 17.66 -1.59 18.68
N LEU D 227 17.83 -1.51 20.00
CA LEU D 227 16.88 -0.78 20.82
C LEU D 227 16.96 0.70 20.50
N GLN D 228 18.19 1.20 20.34
CA GLN D 228 18.43 2.61 20.02
C GLN D 228 17.75 2.96 18.70
N ASP D 229 17.88 2.07 17.71
CA ASP D 229 17.29 2.31 16.40
C ASP D 229 15.77 2.21 16.46
N LEU D 230 15.28 1.28 17.28
CA LEU D 230 13.85 1.08 17.45
C LEU D 230 13.19 2.41 17.83
N VAL D 231 13.88 3.17 18.67
CA VAL D 231 13.39 4.46 19.13
C VAL D 231 13.00 5.40 17.99
N GLU D 232 13.78 5.39 16.92
CA GLU D 232 13.49 6.25 15.77
C GLU D 232 12.22 5.82 15.06
N GLY D 233 11.78 4.60 15.34
CA GLY D 233 10.58 4.08 14.72
C GLY D 233 9.32 4.28 15.52
N MET D 234 9.40 5.10 16.57
CA MET D 234 8.23 5.35 17.41
C MET D 234 8.06 6.83 17.70
N ASP D 235 6.85 7.20 18.11
CA ASP D 235 6.52 8.59 18.42
C ASP D 235 6.79 8.94 19.87
N PHE D 236 7.25 10.17 20.09
CA PHE D 236 7.51 10.69 21.42
C PHE D 236 7.03 12.13 21.41
N GLN D 237 6.13 12.47 22.33
CA GLN D 237 5.58 13.81 22.39
C GLN D 237 6.54 14.82 23.02
N GLY D 238 6.48 16.05 22.54
CA GLY D 238 7.33 17.09 23.07
C GLY D 238 6.48 18.15 23.74
N PRO D 239 7.06 19.01 24.60
CA PRO D 239 6.29 20.05 25.27
C PRO D 239 5.74 21.08 24.29
N GLY D 240 4.41 21.15 24.20
CA GLY D 240 3.78 22.09 23.29
C GLY D 240 2.86 21.42 22.28
N GLU D 241 3.20 20.21 21.87
CA GLU D 241 2.39 19.48 20.90
C GLU D 241 1.00 19.19 21.44
C ACY E . 0.03 -25.63 -19.16
O ACY E . 1.20 -25.73 -18.83
OXT ACY E . -0.30 -24.97 -20.28
CH3 ACY E . -1.05 -26.23 -18.30
C1 MPD F . -9.84 -11.55 0.39
C2 MPD F . -8.36 -11.68 0.74
O2 MPD F . -7.85 -10.42 1.16
CM MPD F . -8.20 -12.69 1.87
C3 MPD F . -7.56 -12.20 -0.49
C4 MPD F . -7.64 -11.24 -1.71
O4 MPD F . -7.06 -9.99 -1.36
C5 MPD F . -6.86 -11.83 -2.88
C1 MPD G . -12.51 8.22 -16.40
C2 MPD G . -13.04 7.41 -15.23
O2 MPD G . -14.24 7.68 -14.50
CM MPD G . -12.44 5.99 -15.15
C3 MPD G . -14.06 6.69 -16.23
C4 MPD G . -15.27 7.52 -16.86
O4 MPD G . -14.86 8.66 -17.61
C5 MPD G . -16.10 6.61 -17.76
C ACY H . 13.00 23.12 18.04
O ACY H . 12.78 22.61 19.13
OXT ACY H . 14.18 22.92 17.43
CH3 ACY H . 11.94 23.95 17.38
C1 MPD I . -2.69 13.63 0.27
C2 MPD I . -4.12 13.41 0.75
O2 MPD I . -4.63 12.21 1.33
CM MPD I . -4.88 14.72 0.98
C3 MPD I . -3.63 13.66 2.25
C4 MPD I . -2.70 12.60 2.97
O4 MPD I . -1.46 12.35 2.31
C5 MPD I . -2.38 13.06 4.40
C1 MPD J . -11.01 -2.05 17.31
C2 MPD J . -10.87 -3.37 18.08
O2 MPD J . -11.74 -4.35 17.52
CM MPD J . -9.43 -3.86 17.97
C3 MPD J . -11.21 -3.14 19.58
C4 MPD J . -12.66 -2.67 19.81
O4 MPD J . -13.58 -3.64 19.31
C5 MPD J . -12.91 -2.46 21.30
#